data_7M71
#
_entry.id   7M71
#
loop_
_entity.id
_entity.type
_entity.pdbx_description
1 polymer 'Spike glycoprotein'
2 polymer 'Antibody 5A6 Fab heavy chain'
3 polymer 'Antibody 5A6 Fab light chain'
4 non-polymer 2-acetamido-2-deoxy-beta-D-glucopyranose
#
loop_
_entity_poly.entity_id
_entity_poly.type
_entity_poly.pdbx_seq_one_letter_code
_entity_poly.pdbx_strand_id
1 'polypeptide(L)'
;MFVFLVLLPLVSSQCVNLTTRTQLPPAYTNSFTRGVYYPDKVFRSSVLHSTQDLFLPFFSNVTWFHAIHVSGTNGTKRFD
NPVLPFNDGVYFASTEKSNIIRGWIFGTTLDSKTQSLLIVNNATNVVIKVCEFQFCNDPFLGVYYHKNNKSWMESEFRVY
SSANNCTFEYVSQPFLMDLEGKQGNFKNLREFVFKNIDGYFKIYSKHTPINLVRDLPQGFSALEPLVDLPIGINITRFQT
LLALHRSYLTPGDSSSGWTAGAAAYYVGYLQPRTFLLKYNENGTITDAVDCALDPLSETKCTLKSFTVEKGIYQTSNFRV
QPTESIVRFPNITNLCPFGEVFNATRFASVYAWNRKRISNCVADYSVLYNSASFSTFKCYGVSPTKLNDLCFTNVYADSF
VIRGDEVRQIAPGQTGKIADYNYKLPDDFTGCVIAWNSNNLDSKVGGNYNYLYRLFRKSNLKPFERDISTEIYQAGSTPC
NGVEGFNCYFPLQSYGFQPTNGVGYQPYRVVVLSFELLHAPATVCGPKKSTNLVKNKCVNFNFNGLTGTGVLTESNKKFL
PFQQFGRDIADTTDAVRDPQTLEILDITPCSFGGVSVITPGTNTSNQVAVLYQDVNCTEVPVAIHADQLTPTWRVYSTGS
NVFQTRAGCLIGAEHVNNSYECDIPIGAGICASYQTQTNSPGSASSVASQSIIAYTMSLGAENSVAYSNNSIAIPTNFTI
SVTTEILPVSMTKTSVDCTMYICGDSTECSNLLLQYGSFCTQLNRALTGIAVEQDKNTQEVFAQVKQIYKTPPIKDFGGF
NFSQILPDPSKPSKRSFIEDLLFNKVTLADAGFIKQYGDCLGDIAARDLICAQKFNGLTVLPPLLTDEMIAQYTSALLAG
TITSGWTFGAGAALQIPFAMQMAYRFNGIGVTQNVLYENQKLIANQFNSAIGKIQDSLSSTASALGKLQDVVNQNAQALN
TLVKQLSSNFGAISSVLNDILSRLDPPEAEVQIDRLITGRLQSLQTYVTQQLIRAAEIRASANLAATKMSECVLGQSKRV
DFCGKGYHLMSFPQSAPHGVVFLHVTYVPAQEKNFTTAPAICHDGKAHFPREGVFVSNGTHWFVTQRNFYEPQIITTDNT
FVSGNCDVVIGIVNNTVYDPLQPELDSFKEELDKYFKNHTSPDVDLGDISGINASVVNIQKEIDRLNEVAKNLNESLIDL
QELGKYEQ
;
A,B
2 'polypeptide(L)'
;QVQLQESGGGLVQPGGSLRLSCAASGFTFSSYEMNWVRQAPGKGLEWVAVISYDGSNKYYADSVKGRFTISRDNAKNSLY
LQMNSLRAEDTAVYYCARLITMVRGEDYWGQGTLVTVSSASTKGPSVFPLAPSSKSTSGGTAALGCLVKDYFPEPVTVSW
NSGALTSGVHTFPAVLQSSGLYSLSSVVTVPSSSLGTQTYICNVNHKPSNTKVDKKVEPKSCDKTHTCPPCPAPEAAGGP
SVFLFPPKPKDTLMISRTPEVTCVVVDVSHEDPEVKFNWYVDGVEVHNAKTKPREEQYNSTYRVVSVLTVLHQDWLNGKE
YKCKVSNKALPAPIEKTISKAKGQPREPQVYTLPPSRDELTKNQVSLTCLVKGFYPSDIAVEWESNGQPENNYKTTPPVL
DSDGSFFLYSRLTVDKSRWQQGNVFSCSVMHEALHNHYTQKSLSLSPGK
;
H
3 'polypeptide(L)'
;DIQLTQSPSSLSASVGHRVTITCRASQSISSYLNWYQQKPGKAPKLLIYAASSLQSGVPSRFSGSGSGTDFTLTISSLQP
EDFATYYCQQSYNLPRTFGGGTKLEVLGTVAAPSVFIFPPSDEQLKSGTASVVCLLNNFYPREAKVQWKVDNALQSGNSQ
ESVTEQDSKDSTYSLSSTLTLSKADYEKHKVYACEVTHQGLSSPVTKSFNRGEC
;
L
#
loop_
_chem_comp.id
_chem_comp.type
_chem_comp.name
_chem_comp.formula
NAG D-saccharide, beta linking 2-acetamido-2-deoxy-beta-D-glucopyranose 'C8 H15 N O6'
#
# COMPACT_ATOMS: atom_id res chain seq x y z
N PHE A 329 -27.03 -60.51 6.97
CA PHE A 329 -26.23 -59.55 6.16
C PHE A 329 -26.56 -59.67 4.68
N PRO A 330 -26.68 -58.57 3.93
CA PRO A 330 -26.94 -58.58 2.49
C PRO A 330 -25.75 -59.09 1.66
N ASN A 331 -25.99 -59.61 0.46
CA ASN A 331 -25.01 -60.39 -0.32
C ASN A 331 -24.27 -59.62 -1.42
N ILE A 332 -24.26 -58.30 -1.35
CA ILE A 332 -23.34 -57.42 -2.10
C ILE A 332 -21.87 -57.67 -1.72
N THR A 333 -20.93 -57.22 -2.56
CA THR A 333 -19.48 -57.51 -2.40
C THR A 333 -18.55 -56.34 -2.76
N ASN A 334 -19.02 -55.31 -3.45
CA ASN A 334 -18.21 -54.16 -3.86
C ASN A 334 -17.77 -53.31 -2.65
N LEU A 335 -16.47 -53.07 -2.48
CA LEU A 335 -15.95 -52.29 -1.37
C LEU A 335 -16.26 -50.79 -1.50
N CYS A 336 -16.51 -50.10 -0.39
CA CYS A 336 -16.80 -48.67 -0.40
C CYS A 336 -15.60 -47.82 -0.86
N PRO A 337 -15.83 -46.71 -1.58
CA PRO A 337 -14.80 -45.91 -2.23
C PRO A 337 -14.08 -44.94 -1.28
N PHE A 338 -13.49 -45.42 -0.18
CA PHE A 338 -12.75 -44.56 0.73
C PHE A 338 -11.44 -44.03 0.13
N GLY A 339 -10.81 -44.74 -0.81
CA GLY A 339 -9.62 -44.22 -1.50
C GLY A 339 -9.90 -42.91 -2.26
N GLU A 340 -11.08 -42.78 -2.86
CA GLU A 340 -11.52 -41.56 -3.53
C GLU A 340 -11.75 -40.37 -2.59
N VAL A 341 -11.86 -40.60 -1.28
CA VAL A 341 -12.00 -39.57 -0.25
C VAL A 341 -10.65 -39.21 0.35
N PHE A 342 -9.93 -40.21 0.88
CA PHE A 342 -8.68 -39.99 1.60
C PHE A 342 -7.49 -39.68 0.68
N ASN A 343 -7.50 -40.17 -0.56
CA ASN A 343 -6.42 -39.95 -1.55
C ASN A 343 -6.82 -39.02 -2.70
N ALA A 344 -7.85 -38.20 -2.55
CA ALA A 344 -8.11 -37.09 -3.47
C ALA A 344 -6.94 -36.09 -3.47
N THR A 345 -6.59 -35.53 -4.63
CA THR A 345 -5.44 -34.64 -4.77
C THR A 345 -5.70 -33.25 -4.19
N ARG A 346 -6.86 -32.65 -4.48
CA ARG A 346 -7.31 -31.39 -3.89
C ARG A 346 -8.48 -31.56 -2.95
N PHE A 347 -8.31 -31.08 -1.71
CA PHE A 347 -9.38 -30.90 -0.74
C PHE A 347 -10.00 -29.50 -0.87
N ALA A 348 -11.19 -29.33 -0.30
CA ALA A 348 -11.90 -28.06 -0.25
C ALA A 348 -11.42 -27.12 0.86
N SER A 349 -11.72 -25.83 0.72
CA SER A 349 -11.68 -24.87 1.83
C SER A 349 -12.75 -25.19 2.87
N VAL A 350 -12.50 -24.95 4.15
CA VAL A 350 -13.43 -25.30 5.22
C VAL A 350 -14.76 -24.56 5.16
N TYR A 351 -14.86 -23.37 4.56
CA TYR A 351 -16.16 -22.71 4.39
C TYR A 351 -17.01 -23.38 3.29
N ALA A 352 -16.36 -24.02 2.32
CA ALA A 352 -16.95 -24.64 1.14
C ALA A 352 -16.67 -26.14 1.11
N TRP A 353 -16.80 -26.81 2.26
CA TRP A 353 -16.43 -28.20 2.46
C TRP A 353 -17.14 -29.16 1.51
N ASN A 354 -16.47 -30.24 1.10
CA ASN A 354 -17.09 -31.31 0.30
C ASN A 354 -17.90 -32.25 1.17
N ARG A 355 -18.96 -32.84 0.61
CA ARG A 355 -19.67 -34.00 1.14
C ARG A 355 -19.81 -35.06 0.07
N LYS A 356 -19.44 -36.30 0.38
CA LYS A 356 -19.69 -37.48 -0.43
C LYS A 356 -20.66 -38.40 0.30
N ARG A 357 -21.62 -38.97 -0.42
CA ARG A 357 -22.57 -39.97 0.09
C ARG A 357 -22.04 -41.36 -0.26
N ILE A 358 -21.97 -42.23 0.74
CA ILE A 358 -21.49 -43.60 0.65
C ILE A 358 -22.67 -44.53 0.90
N SER A 359 -22.97 -45.42 -0.04
CA SER A 359 -24.14 -46.31 -0.01
C SER A 359 -23.94 -47.54 -0.91
N ASN A 360 -24.71 -48.60 -0.66
CA ASN A 360 -24.71 -49.86 -1.43
C ASN A 360 -23.32 -50.47 -1.63
N CYS A 361 -22.58 -50.66 -0.55
CA CYS A 361 -21.19 -51.16 -0.58
C CYS A 361 -20.79 -51.81 0.75
N VAL A 362 -19.67 -52.54 0.73
CA VAL A 362 -19.06 -53.15 1.92
C VAL A 362 -17.98 -52.22 2.46
N ALA A 363 -18.14 -51.73 3.69
CA ALA A 363 -17.22 -50.79 4.30
C ALA A 363 -16.22 -51.51 5.19
N ASP A 364 -15.04 -51.86 4.68
CA ASP A 364 -13.94 -52.29 5.53
C ASP A 364 -13.22 -51.08 6.15
N TYR A 365 -13.45 -50.79 7.42
CA TYR A 365 -12.81 -49.68 8.11
C TYR A 365 -11.41 -50.03 8.62
N SER A 366 -11.02 -51.30 8.59
CA SER A 366 -9.72 -51.72 9.12
C SER A 366 -8.58 -51.09 8.33
N VAL A 367 -8.77 -50.89 7.04
CA VAL A 367 -7.85 -50.16 6.16
C VAL A 367 -7.59 -48.72 6.65
N LEU A 368 -8.51 -48.15 7.43
CA LEU A 368 -8.38 -46.84 8.05
C LEU A 368 -7.79 -46.95 9.45
N TYR A 369 -8.39 -47.69 10.38
CA TYR A 369 -7.92 -47.70 11.77
C TYR A 369 -6.63 -48.50 11.98
N ASN A 370 -6.25 -49.42 11.08
CA ASN A 370 -4.92 -50.06 11.09
C ASN A 370 -3.87 -49.30 10.27
N SER A 371 -4.21 -48.17 9.62
CA SER A 371 -3.22 -47.31 8.99
C SER A 371 -2.39 -46.56 10.03
N ALA A 372 -1.10 -46.32 9.75
CA ALA A 372 -0.23 -45.46 10.56
C ALA A 372 -0.33 -43.95 10.21
N SER A 373 -1.21 -43.56 9.27
CA SER A 373 -1.18 -42.21 8.67
C SER A 373 -1.66 -41.09 9.60
N PHE A 374 -2.59 -41.35 10.52
CA PHE A 374 -3.51 -40.33 11.02
C PHE A 374 -3.11 -39.80 12.40
N SER A 375 -3.02 -38.48 12.52
CA SER A 375 -2.71 -37.78 13.78
C SER A 375 -3.90 -37.69 14.74
N THR A 376 -5.12 -37.89 14.22
CA THR A 376 -6.39 -37.93 14.94
C THR A 376 -7.22 -39.03 14.32
N PHE A 377 -7.91 -39.82 15.15
CA PHE A 377 -8.91 -40.81 14.73
C PHE A 377 -9.91 -40.99 15.88
N LYS A 378 -10.75 -39.98 16.11
CA LYS A 378 -11.68 -39.93 17.23
C LYS A 378 -13.08 -40.33 16.79
N CYS A 379 -13.58 -41.45 17.27
CA CYS A 379 -14.98 -41.85 17.06
C CYS A 379 -15.89 -41.43 18.20
N TYR A 380 -17.15 -41.20 17.89
CA TYR A 380 -18.20 -40.70 18.77
C TYR A 380 -19.41 -41.61 18.66
N GLY A 381 -19.91 -42.09 19.80
CA GLY A 381 -21.01 -43.07 19.85
C GLY A 381 -20.65 -44.48 19.36
N VAL A 382 -19.40 -44.74 19.00
CA VAL A 382 -18.89 -46.02 18.47
C VAL A 382 -17.38 -46.09 18.74
N SER A 383 -16.81 -47.29 18.73
CA SER A 383 -15.36 -47.52 18.88
C SER A 383 -14.76 -48.07 17.57
N PRO A 384 -13.54 -47.67 17.15
CA PRO A 384 -13.02 -47.99 15.82
C PRO A 384 -12.99 -49.48 15.49
N THR A 385 -12.55 -50.29 16.44
CA THR A 385 -12.45 -51.75 16.31
C THR A 385 -13.80 -52.46 16.15
N LYS A 386 -14.92 -51.82 16.51
CA LYS A 386 -16.27 -52.38 16.37
C LYS A 386 -16.88 -52.11 14.99
N LEU A 387 -16.35 -51.16 14.20
CA LEU A 387 -16.96 -50.69 12.95
C LEU A 387 -17.16 -51.78 11.91
N ASN A 388 -16.30 -52.79 11.83
CA ASN A 388 -16.44 -53.88 10.87
C ASN A 388 -17.58 -54.86 11.21
N ASP A 389 -18.20 -54.76 12.37
CA ASP A 389 -19.33 -55.61 12.79
C ASP A 389 -20.69 -54.98 12.46
N LEU A 390 -20.73 -53.69 12.16
CA LEU A 390 -21.94 -52.88 12.09
C LEU A 390 -22.51 -52.76 10.69
N CYS A 391 -23.76 -52.31 10.61
CA CYS A 391 -24.39 -51.80 9.40
C CYS A 391 -24.93 -50.40 9.67
N PHE A 392 -24.91 -49.54 8.66
CA PHE A 392 -25.13 -48.10 8.76
C PHE A 392 -26.21 -47.69 7.79
N THR A 393 -27.11 -46.81 8.22
CA THR A 393 -28.31 -46.47 7.42
C THR A 393 -27.92 -45.81 6.11
N ASN A 394 -27.10 -44.77 6.24
CA ASN A 394 -26.33 -44.07 5.22
C ASN A 394 -24.98 -43.69 5.84
N VAL A 395 -24.00 -43.37 5.01
CA VAL A 395 -22.72 -42.84 5.43
C VAL A 395 -22.43 -41.57 4.63
N TYR A 396 -21.98 -40.50 5.28
CA TYR A 396 -21.42 -39.31 4.64
C TYR A 396 -19.96 -39.16 4.99
N ALA A 397 -19.12 -38.84 4.00
CA ALA A 397 -17.76 -38.41 4.20
C ALA A 397 -17.59 -36.93 3.84
N ASP A 398 -17.27 -36.09 4.81
CA ASP A 398 -17.04 -34.66 4.63
C ASP A 398 -15.56 -34.33 4.66
N SER A 399 -15.05 -33.52 3.73
CA SER A 399 -13.61 -33.22 3.58
C SER A 399 -13.29 -31.74 3.46
N PHE A 400 -12.25 -31.29 4.15
CA PHE A 400 -11.74 -29.92 4.10
C PHE A 400 -10.32 -29.80 4.67
N VAL A 401 -9.64 -28.67 4.45
CA VAL A 401 -8.36 -28.30 5.08
C VAL A 401 -8.55 -27.20 6.13
N ILE A 402 -7.87 -27.31 7.27
CA ILE A 402 -7.80 -26.32 8.37
C ILE A 402 -6.38 -26.24 8.96
N ARG A 403 -6.11 -25.35 9.91
CA ARG A 403 -4.86 -25.38 10.70
C ARG A 403 -4.80 -26.54 11.69
N GLY A 404 -3.60 -26.96 12.06
CA GLY A 404 -3.37 -27.94 13.12
C GLY A 404 -3.98 -27.59 14.47
N ASP A 405 -3.99 -26.32 14.88
CA ASP A 405 -4.62 -25.95 16.16
C ASP A 405 -6.14 -25.78 16.09
N GLU A 406 -6.75 -25.92 14.92
CA GLU A 406 -8.20 -25.91 14.72
C GLU A 406 -8.82 -27.30 14.68
N VAL A 407 -8.04 -28.38 14.59
CA VAL A 407 -8.56 -29.76 14.58
C VAL A 407 -9.37 -30.06 15.86
N ARG A 408 -9.00 -29.43 16.98
CA ARG A 408 -9.76 -29.35 18.23
C ARG A 408 -11.24 -29.00 18.04
N GLN A 409 -11.56 -28.07 17.14
CA GLN A 409 -12.92 -27.59 16.93
C GLN A 409 -13.79 -28.57 16.16
N ILE A 410 -13.22 -29.57 15.50
CA ILE A 410 -13.97 -30.61 14.79
C ILE A 410 -14.34 -31.72 15.79
N ALA A 411 -15.23 -31.38 16.71
CA ALA A 411 -15.80 -32.27 17.70
C ALA A 411 -17.16 -31.73 18.16
N PRO A 412 -18.04 -32.56 18.74
CA PRO A 412 -19.35 -32.12 19.23
C PRO A 412 -19.23 -31.07 20.34
N GLY A 413 -20.12 -30.08 20.33
CA GLY A 413 -20.23 -29.06 21.38
C GLY A 413 -19.15 -27.96 21.39
N GLN A 414 -18.16 -27.99 20.49
CA GLN A 414 -17.08 -27.00 20.43
C GLN A 414 -17.53 -25.63 19.90
N THR A 415 -16.70 -24.61 20.11
CA THR A 415 -16.89 -23.25 19.61
C THR A 415 -15.56 -22.58 19.23
N GLY A 416 -15.62 -21.52 18.43
CA GLY A 416 -14.50 -20.86 17.77
C GLY A 416 -14.83 -20.62 16.28
N LYS A 417 -14.01 -19.88 15.54
CA LYS A 417 -14.37 -19.46 14.16
C LYS A 417 -14.78 -20.62 13.25
N ILE A 418 -14.15 -21.79 13.38
CA ILE A 418 -14.44 -22.94 12.54
C ILE A 418 -15.78 -23.56 12.93
N ALA A 419 -15.96 -23.90 14.20
CA ALA A 419 -17.20 -24.46 14.69
C ALA A 419 -18.40 -23.51 14.51
N ASP A 420 -18.19 -22.21 14.71
CA ASP A 420 -19.24 -21.21 14.68
C ASP A 420 -19.65 -20.76 13.28
N TYR A 421 -18.73 -20.66 12.32
CA TYR A 421 -19.00 -20.05 11.00
C TYR A 421 -18.64 -20.91 9.79
N ASN A 422 -17.98 -22.06 9.97
CA ASN A 422 -17.48 -22.85 8.85
C ASN A 422 -18.02 -24.28 8.79
N TYR A 423 -17.92 -25.04 9.87
CA TYR A 423 -18.33 -26.44 9.93
C TYR A 423 -18.73 -26.83 11.35
N LYS A 424 -20.02 -27.11 11.57
CA LYS A 424 -20.61 -27.46 12.86
C LYS A 424 -20.99 -28.94 12.90
N LEU A 425 -20.53 -29.68 13.90
CA LEU A 425 -21.07 -31.00 14.25
C LEU A 425 -22.27 -30.88 15.22
N PRO A 426 -23.28 -31.75 15.12
CA PRO A 426 -24.35 -31.83 16.11
C PRO A 426 -23.82 -32.33 17.46
N ASP A 427 -24.49 -32.00 18.56
CA ASP A 427 -24.08 -32.47 19.90
C ASP A 427 -24.22 -33.99 20.07
N ASP A 428 -25.21 -34.58 19.39
CA ASP A 428 -25.50 -36.01 19.33
C ASP A 428 -24.76 -36.77 18.21
N PHE A 429 -23.63 -36.25 17.72
CA PHE A 429 -22.90 -36.81 16.58
C PHE A 429 -22.52 -38.29 16.76
N THR A 430 -22.81 -39.11 15.75
CA THR A 430 -22.30 -40.47 15.63
C THR A 430 -21.43 -40.56 14.39
N GLY A 431 -20.18 -40.95 14.56
CA GLY A 431 -19.22 -40.94 13.47
C GLY A 431 -17.78 -40.82 13.95
N CYS A 432 -16.85 -40.65 13.03
CA CYS A 432 -15.42 -40.53 13.32
C CYS A 432 -14.83 -39.28 12.66
N VAL A 433 -13.97 -38.57 13.37
CA VAL A 433 -13.18 -37.45 12.86
C VAL A 433 -11.74 -37.90 12.70
N ILE A 434 -11.19 -37.76 11.50
CA ILE A 434 -9.88 -38.27 11.11
C ILE A 434 -9.08 -37.12 10.51
N ALA A 435 -7.83 -36.89 10.95
CA ALA A 435 -7.00 -35.81 10.43
C ALA A 435 -5.53 -36.18 10.29
N TRP A 436 -4.89 -35.75 9.21
CA TRP A 436 -3.44 -35.89 9.00
C TRP A 436 -2.82 -34.58 8.53
N ASN A 437 -1.59 -34.33 8.96
CA ASN A 437 -0.81 -33.18 8.54
C ASN A 437 -0.48 -33.31 7.05
N SER A 438 -0.71 -32.24 6.29
CA SER A 438 -0.52 -32.22 4.84
C SER A 438 0.41 -31.08 4.40
N ASN A 439 1.32 -30.63 5.26
CA ASN A 439 2.29 -29.57 4.97
C ASN A 439 3.21 -29.87 3.77
N ASN A 440 3.34 -31.12 3.35
CA ASN A 440 4.03 -31.54 2.13
C ASN A 440 3.17 -31.51 0.85
N LEU A 441 1.86 -31.26 0.96
CA LEU A 441 0.90 -31.23 -0.16
C LEU A 441 0.23 -29.86 -0.31
N ASP A 442 -0.06 -29.19 0.81
CA ASP A 442 -0.89 -27.99 0.90
C ASP A 442 -0.09 -26.74 1.31
N SER A 443 1.24 -26.78 1.20
CA SER A 443 2.11 -25.61 1.40
C SER A 443 3.04 -25.39 0.22
N LYS A 444 3.37 -24.12 -0.03
CA LYS A 444 4.21 -23.66 -1.14
C LYS A 444 5.26 -22.68 -0.62
N VAL A 445 6.44 -22.62 -1.24
CA VAL A 445 7.61 -21.86 -0.70
C VAL A 445 7.37 -20.36 -0.52
N GLY A 446 6.53 -19.74 -1.36
CA GLY A 446 6.11 -18.33 -1.22
C GLY A 446 4.87 -18.10 -0.35
N GLY A 447 4.37 -19.15 0.30
CA GLY A 447 3.03 -19.21 0.88
C GLY A 447 2.00 -19.73 -0.12
N ASN A 448 1.14 -20.65 0.32
CA ASN A 448 -0.04 -21.09 -0.41
C ASN A 448 -1.27 -20.37 0.15
N TYR A 449 -2.05 -19.71 -0.69
CA TYR A 449 -3.24 -18.94 -0.29
C TYR A 449 -4.54 -19.46 -0.94
N ASN A 450 -4.54 -20.65 -1.55
CA ASN A 450 -5.73 -21.23 -2.16
C ASN A 450 -6.84 -21.58 -1.15
N TYR A 451 -6.53 -21.77 0.14
CA TYR A 451 -7.46 -22.21 1.17
C TYR A 451 -7.98 -21.04 2.02
N LEU A 452 -9.28 -20.98 2.27
CA LEU A 452 -9.95 -19.89 3.00
C LEU A 452 -10.88 -20.39 4.09
N TYR A 453 -11.25 -19.50 5.00
CA TYR A 453 -12.25 -19.72 6.03
C TYR A 453 -13.07 -18.45 6.22
N ARG A 454 -14.33 -18.59 6.62
CA ARG A 454 -15.18 -17.47 6.99
C ARG A 454 -14.79 -16.91 8.35
N LEU A 455 -14.56 -15.61 8.38
CA LEU A 455 -14.12 -14.83 9.52
C LEU A 455 -15.28 -14.12 10.22
N PHE A 456 -16.32 -13.73 9.49
CA PHE A 456 -17.47 -12.97 9.98
C PHE A 456 -18.80 -13.60 9.54
N ARG A 457 -19.80 -13.63 10.44
CA ARG A 457 -21.18 -14.03 10.12
C ARG A 457 -22.15 -13.38 11.10
N LYS A 458 -23.39 -13.11 10.68
CA LYS A 458 -24.43 -12.55 11.58
C LYS A 458 -24.82 -13.49 12.72
N SER A 459 -24.79 -14.80 12.47
CA SER A 459 -25.23 -15.84 13.40
C SER A 459 -24.42 -17.12 13.23
N ASN A 460 -24.34 -17.93 14.29
CA ASN A 460 -23.70 -19.23 14.23
C ASN A 460 -24.39 -20.18 13.25
N LEU A 461 -23.59 -20.96 12.58
CA LEU A 461 -23.95 -22.00 11.63
C LEU A 461 -24.69 -23.16 12.36
N LYS A 462 -25.73 -23.73 11.76
CA LYS A 462 -26.41 -24.95 12.24
C LYS A 462 -25.60 -26.22 11.92
N PRO A 463 -25.83 -27.36 12.60
CA PRO A 463 -25.14 -28.60 12.30
C PRO A 463 -25.26 -29.01 10.83
N PHE A 464 -24.13 -29.31 10.19
CA PHE A 464 -24.01 -29.60 8.76
C PHE A 464 -24.60 -28.56 7.79
N GLU A 465 -24.81 -27.32 8.21
CA GLU A 465 -25.08 -26.19 7.30
C GLU A 465 -23.80 -25.76 6.57
N ARG A 466 -23.92 -25.37 5.29
CA ARG A 466 -22.83 -24.86 4.46
C ARG A 466 -23.18 -23.48 3.93
N ASP A 467 -22.23 -22.56 3.90
CA ASP A 467 -22.43 -21.17 3.50
C ASP A 467 -21.30 -20.72 2.57
N ILE A 468 -21.59 -20.63 1.27
CA ILE A 468 -20.60 -20.22 0.26
C ILE A 468 -20.82 -18.78 -0.26
N SER A 469 -21.61 -17.98 0.45
CA SER A 469 -21.89 -16.59 0.08
C SER A 469 -20.66 -15.68 0.21
N THR A 470 -20.64 -14.55 -0.49
CA THR A 470 -19.58 -13.53 -0.42
C THR A 470 -20.14 -12.11 -0.36
N GLU A 471 -21.31 -11.94 0.27
CA GLU A 471 -21.85 -10.63 0.62
C GLU A 471 -20.91 -9.90 1.60
N ILE A 472 -20.75 -8.58 1.45
CA ILE A 472 -19.96 -7.79 2.40
C ILE A 472 -20.64 -7.78 3.77
N TYR A 473 -19.92 -8.18 4.81
CA TYR A 473 -20.43 -8.24 6.17
C TYR A 473 -20.51 -6.84 6.79
N GLN A 474 -21.68 -6.48 7.33
CA GLN A 474 -21.92 -5.20 7.98
C GLN A 474 -21.70 -5.31 9.50
N ALA A 475 -20.55 -4.83 9.97
CA ALA A 475 -20.16 -4.88 11.37
C ALA A 475 -20.76 -3.75 12.24
N GLY A 476 -21.38 -2.74 11.64
CA GLY A 476 -21.92 -1.56 12.32
C GLY A 476 -23.30 -1.13 11.85
N SER A 477 -23.63 0.16 12.02
CA SER A 477 -24.98 0.69 11.86
C SER A 477 -25.38 1.06 10.43
N THR A 478 -24.44 1.33 9.54
CA THR A 478 -24.71 1.88 8.20
C THR A 478 -24.62 0.79 7.12
N PRO A 479 -25.57 0.71 6.16
CA PRO A 479 -25.54 -0.30 5.09
C PRO A 479 -24.29 -0.24 4.24
N CYS A 480 -23.78 -1.41 3.83
CA CYS A 480 -22.55 -1.50 3.05
C CYS A 480 -22.75 -1.32 1.55
N ASN A 481 -23.95 -1.62 1.03
CA ASN A 481 -24.29 -1.54 -0.39
C ASN A 481 -23.32 -2.33 -1.30
N GLY A 482 -22.86 -3.49 -0.83
CA GLY A 482 -21.99 -4.39 -1.59
C GLY A 482 -20.57 -3.88 -1.82
N VAL A 483 -20.09 -2.97 -0.97
CA VAL A 483 -18.77 -2.33 -1.05
C VAL A 483 -18.10 -2.33 0.33
N GLU A 484 -16.82 -2.70 0.40
CA GLU A 484 -15.99 -2.64 1.60
C GLU A 484 -15.64 -1.20 1.93
N GLY A 485 -15.61 -0.90 3.22
CA GLY A 485 -15.31 0.42 3.76
C GLY A 485 -15.39 0.36 5.27
N PHE A 486 -15.54 1.49 5.93
CA PHE A 486 -15.68 1.55 7.39
C PHE A 486 -16.79 0.63 7.90
N ASN A 487 -16.44 -0.34 8.75
CA ASN A 487 -17.31 -1.41 9.27
C ASN A 487 -17.95 -2.34 8.22
N CYS A 488 -17.37 -2.46 7.03
CA CYS A 488 -17.90 -3.26 5.93
C CYS A 488 -16.81 -4.18 5.41
N TYR A 489 -16.89 -5.47 5.71
CA TYR A 489 -15.79 -6.43 5.56
C TYR A 489 -16.06 -7.52 4.54
N PHE A 490 -15.06 -7.91 3.75
CA PHE A 490 -15.14 -9.15 2.99
C PHE A 490 -15.16 -10.35 3.96
N PRO A 491 -16.12 -11.29 3.88
CA PRO A 491 -16.36 -12.24 4.96
C PRO A 491 -15.34 -13.39 5.07
N LEU A 492 -14.50 -13.63 4.08
CA LEU A 492 -13.56 -14.76 4.03
C LEU A 492 -12.13 -14.30 4.15
N GLN A 493 -11.29 -15.05 4.85
CA GLN A 493 -9.86 -14.80 4.95
C GLN A 493 -9.06 -16.05 4.58
N SER A 494 -7.88 -15.90 3.99
CA SER A 494 -7.06 -17.04 3.57
C SER A 494 -6.15 -17.57 4.67
N TYR A 495 -5.95 -18.88 4.73
CA TYR A 495 -4.78 -19.45 5.38
C TYR A 495 -3.57 -19.32 4.45
N GLY A 496 -2.56 -18.55 4.83
CA GLY A 496 -1.27 -18.58 4.17
C GLY A 496 -0.40 -19.68 4.74
N PHE A 497 -0.15 -20.76 4.01
CA PHE A 497 0.65 -21.88 4.49
C PHE A 497 2.04 -21.91 3.86
N GLN A 498 3.09 -21.75 4.67
CA GLN A 498 4.50 -21.91 4.31
C GLN A 498 5.08 -23.22 4.90
N PRO A 499 5.95 -23.96 4.19
CA PRO A 499 6.59 -25.17 4.73
C PRO A 499 7.35 -24.97 6.05
N THR A 500 7.68 -23.73 6.40
CA THR A 500 8.43 -23.32 7.60
C THR A 500 7.56 -23.06 8.84
N ASN A 501 6.22 -23.13 8.74
CA ASN A 501 5.33 -22.81 9.87
C ASN A 501 5.52 -23.76 11.07
N GLY A 502 5.29 -23.27 12.28
CA GLY A 502 5.11 -24.11 13.48
C GLY A 502 3.88 -25.00 13.34
N VAL A 503 3.88 -26.20 13.93
CA VAL A 503 2.94 -27.27 13.57
C VAL A 503 1.46 -26.92 13.80
N GLY A 504 1.14 -26.08 14.78
CA GLY A 504 -0.22 -25.56 15.01
C GLY A 504 -0.74 -24.65 13.88
N TYR A 505 0.13 -24.18 13.00
CA TYR A 505 -0.18 -23.34 11.84
C TYR A 505 0.04 -24.05 10.50
N GLN A 506 0.41 -25.33 10.51
CA GLN A 506 0.48 -26.13 9.29
C GLN A 506 -0.91 -26.60 8.82
N PRO A 507 -1.10 -26.95 7.54
CA PRO A 507 -2.35 -27.49 7.03
C PRO A 507 -2.59 -28.93 7.48
N TYR A 508 -3.83 -29.23 7.84
CA TYR A 508 -4.32 -30.58 8.08
C TYR A 508 -5.50 -30.87 7.18
N ARG A 509 -5.46 -32.00 6.49
CA ARG A 509 -6.62 -32.59 5.81
C ARG A 509 -7.47 -33.33 6.82
N VAL A 510 -8.75 -33.00 6.90
CA VAL A 510 -9.73 -33.60 7.80
C VAL A 510 -10.80 -34.32 7.00
N VAL A 511 -11.07 -35.58 7.35
CA VAL A 511 -12.27 -36.32 6.92
C VAL A 511 -13.18 -36.57 8.12
N VAL A 512 -14.45 -36.24 8.00
CA VAL A 512 -15.48 -36.60 8.97
C VAL A 512 -16.38 -37.66 8.37
N LEU A 513 -16.36 -38.87 8.91
CA LEU A 513 -17.29 -39.94 8.59
C LEU A 513 -18.48 -39.84 9.53
N SER A 514 -19.67 -39.76 8.99
CA SER A 514 -20.91 -39.52 9.73
C SER A 514 -21.93 -40.56 9.32
N PHE A 515 -22.65 -41.15 10.28
CA PHE A 515 -23.62 -42.20 10.01
C PHE A 515 -24.71 -42.31 11.08
N GLU A 516 -25.81 -42.97 10.74
CA GLU A 516 -26.90 -43.29 11.66
C GLU A 516 -26.91 -44.79 11.96
N LEU A 517 -26.74 -45.16 13.23
CA LEU A 517 -26.74 -46.53 13.75
C LEU A 517 -28.13 -47.04 14.19
N LEU A 518 -29.18 -46.26 13.98
CA LEU A 518 -30.58 -46.68 14.15
C LEU A 518 -30.91 -47.80 13.15
N HIS A 519 -31.78 -48.75 13.53
CA HIS A 519 -32.09 -49.94 12.73
C HIS A 519 -33.11 -49.72 11.61
N ALA A 520 -33.04 -48.56 10.94
CA ALA A 520 -33.67 -48.34 9.64
C ALA A 520 -32.97 -49.19 8.55
N PRO A 521 -33.55 -49.35 7.35
CA PRO A 521 -32.92 -50.08 6.25
C PRO A 521 -31.51 -49.57 5.92
N ALA A 522 -30.54 -50.48 5.84
CA ALA A 522 -29.11 -50.18 5.80
C ALA A 522 -28.46 -50.72 4.52
N THR A 523 -27.80 -49.86 3.75
CA THR A 523 -27.11 -50.24 2.51
C THR A 523 -25.58 -50.30 2.63
N VAL A 524 -25.01 -49.93 3.78
CA VAL A 524 -23.57 -50.03 4.05
C VAL A 524 -23.38 -50.95 5.23
N CYS A 525 -22.55 -51.97 5.08
CA CYS A 525 -22.28 -52.97 6.11
C CYS A 525 -20.80 -53.30 6.15
N GLY A 526 -20.29 -53.66 7.33
CA GLY A 526 -18.92 -54.13 7.48
C GLY A 526 -18.68 -55.49 6.81
N PRO A 527 -17.42 -55.98 6.74
CA PRO A 527 -17.04 -57.18 5.98
C PRO A 527 -17.47 -58.54 6.57
N LYS A 528 -18.57 -58.60 7.33
CA LYS A 528 -19.00 -59.81 8.06
C LYS A 528 -19.49 -60.92 7.12
N LYS A 529 -19.22 -62.17 7.46
CA LYS A 529 -19.56 -63.35 6.64
C LYS A 529 -20.80 -64.02 7.22
N SER A 530 -21.86 -64.16 6.43
CA SER A 530 -23.15 -64.68 6.89
C SER A 530 -23.19 -66.21 6.96
N THR A 531 -24.01 -66.75 7.86
CA THR A 531 -24.28 -68.19 8.01
C THR A 531 -25.51 -68.60 7.21
N ASN A 532 -25.89 -69.88 7.26
CA ASN A 532 -27.24 -70.31 6.91
C ASN A 532 -28.28 -69.81 7.94
N LEU A 533 -29.55 -69.81 7.55
CA LEU A 533 -30.67 -69.44 8.41
C LEU A 533 -31.21 -70.68 9.12
N VAL A 534 -31.07 -70.73 10.44
CA VAL A 534 -31.52 -71.85 11.29
C VAL A 534 -32.79 -71.46 12.03
N LYS A 535 -33.80 -72.34 11.99
CA LYS A 535 -35.12 -72.13 12.57
C LYS A 535 -35.41 -73.13 13.69
N ASN A 536 -36.28 -72.76 14.61
CA ASN A 536 -36.74 -73.56 15.76
C ASN A 536 -35.68 -73.84 16.85
N LYS A 537 -34.64 -73.01 16.95
CA LYS A 537 -33.54 -73.10 17.92
C LYS A 537 -33.57 -71.92 18.91
N PHE B 329 -30.24 -0.83 37.19
CA PHE B 329 -28.97 -0.30 37.76
C PHE B 329 -29.13 1.12 38.30
N PRO B 330 -28.39 1.51 39.35
CA PRO B 330 -28.42 2.86 39.91
C PRO B 330 -27.87 3.89 38.93
N ASN B 331 -28.36 5.13 38.99
CA ASN B 331 -28.07 6.10 37.93
C ASN B 331 -26.63 6.63 37.95
N ILE B 332 -26.12 6.97 36.76
CA ILE B 332 -24.69 7.13 36.48
C ILE B 332 -24.18 8.45 37.04
N THR B 333 -23.18 8.36 37.91
CA THR B 333 -22.55 9.45 38.68
C THR B 333 -21.10 9.08 38.97
N ASN B 334 -20.31 10.01 39.52
CA ASN B 334 -18.90 9.78 39.87
C ASN B 334 -18.05 9.37 38.64
N LEU B 335 -18.21 10.11 37.55
CA LEU B 335 -17.45 9.91 36.31
C LEU B 335 -15.95 10.19 36.54
N CYS B 336 -15.08 9.42 35.88
CA CYS B 336 -13.64 9.59 36.04
C CYS B 336 -13.15 10.95 35.53
N PRO B 337 -12.15 11.55 36.20
CA PRO B 337 -11.73 12.93 35.96
C PRO B 337 -10.80 13.08 34.73
N PHE B 338 -11.14 12.50 33.59
CA PHE B 338 -10.34 12.60 32.37
C PHE B 338 -10.15 14.05 31.91
N GLY B 339 -11.09 14.96 32.18
CA GLY B 339 -10.93 16.37 31.84
C GLY B 339 -9.75 17.04 32.53
N GLU B 340 -9.36 16.57 33.71
CA GLU B 340 -8.15 17.06 34.38
C GLU B 340 -6.85 16.60 33.68
N VAL B 341 -6.90 15.51 32.93
CA VAL B 341 -5.76 14.97 32.17
C VAL B 341 -5.69 15.61 30.78
N PHE B 342 -6.78 15.55 30.03
CA PHE B 342 -6.81 15.97 28.63
C PHE B 342 -6.87 17.49 28.46
N ASN B 343 -7.48 18.22 29.38
CA ASN B 343 -7.67 19.67 29.30
C ASN B 343 -6.89 20.42 30.39
N ALA B 344 -5.79 19.87 30.90
CA ALA B 344 -4.85 20.63 31.72
C ALA B 344 -4.30 21.83 30.94
N THR B 345 -4.01 22.94 31.62
CA THR B 345 -3.51 24.16 30.96
C THR B 345 -2.07 24.01 30.48
N ARG B 346 -1.22 23.33 31.25
CA ARG B 346 0.15 22.98 30.90
C ARG B 346 0.41 21.49 31.10
N PHE B 347 1.15 20.89 30.17
CA PHE B 347 1.57 19.49 30.20
C PHE B 347 3.02 19.38 30.68
N ALA B 348 3.47 18.17 31.00
CA ALA B 348 4.87 17.92 31.31
C ALA B 348 5.79 17.97 30.07
N SER B 349 7.08 18.20 30.31
CA SER B 349 8.15 17.76 29.39
C SER B 349 8.21 16.23 29.35
N VAL B 350 8.58 15.64 28.22
CA VAL B 350 8.61 14.18 28.07
C VAL B 350 9.63 13.47 28.95
N TYR B 351 10.76 14.08 29.31
CA TYR B 351 11.72 13.42 30.22
C TYR B 351 11.15 13.29 31.65
N ALA B 352 10.35 14.28 32.07
CA ALA B 352 9.70 14.42 33.36
C ALA B 352 8.19 14.18 33.27
N TRP B 353 7.77 13.21 32.48
CA TRP B 353 6.37 12.90 32.20
C TRP B 353 5.53 12.73 33.47
N ASN B 354 4.31 13.29 33.48
CA ASN B 354 3.36 13.15 34.60
C ASN B 354 2.68 11.79 34.55
N ARG B 355 2.36 11.20 35.71
CA ARG B 355 1.45 10.06 35.86
C ARG B 355 0.32 10.43 36.81
N LYS B 356 -0.93 10.24 36.37
CA LYS B 356 -2.15 10.39 37.16
C LYS B 356 -2.78 9.02 37.36
N ARG B 357 -3.16 8.65 38.59
CA ARG B 357 -3.84 7.39 38.89
C ARG B 357 -5.34 7.63 38.97
N ILE B 358 -6.10 6.83 38.23
CA ILE B 358 -7.55 6.87 38.14
C ILE B 358 -8.08 5.62 38.86
N SER B 359 -8.92 5.80 39.87
CA SER B 359 -9.57 4.71 40.61
C SER B 359 -10.91 5.17 41.21
N ASN B 360 -11.79 4.22 41.54
CA ASN B 360 -13.06 4.48 42.24
C ASN B 360 -13.98 5.44 41.49
N CYS B 361 -14.25 5.18 40.21
CA CYS B 361 -15.01 6.06 39.34
C CYS B 361 -15.58 5.30 38.13
N VAL B 362 -16.53 5.92 37.42
CA VAL B 362 -17.12 5.36 36.20
C VAL B 362 -16.43 5.97 34.97
N ALA B 363 -15.83 5.14 34.12
CA ALA B 363 -15.01 5.57 32.99
C ALA B 363 -15.74 5.36 31.66
N ASP B 364 -16.21 6.42 31.03
CA ASP B 364 -16.83 6.33 29.70
C ASP B 364 -15.81 6.56 28.58
N TYR B 365 -15.06 5.52 28.22
CA TYR B 365 -14.01 5.61 27.21
C TYR B 365 -14.54 5.98 25.83
N SER B 366 -15.78 5.62 25.50
CA SER B 366 -16.40 5.99 24.24
C SER B 366 -16.67 7.49 24.14
N VAL B 367 -16.82 8.22 25.24
CA VAL B 367 -16.87 9.69 25.20
C VAL B 367 -15.51 10.31 24.84
N LEU B 368 -14.39 9.67 25.19
CA LEU B 368 -13.09 10.03 24.62
C LEU B 368 -13.06 9.67 23.14
N TYR B 369 -13.26 8.41 22.78
CA TYR B 369 -13.04 7.96 21.42
C TYR B 369 -13.95 8.63 20.38
N ASN B 370 -15.19 8.97 20.73
CA ASN B 370 -16.11 9.69 19.86
C ASN B 370 -15.81 11.19 19.76
N SER B 371 -14.98 11.75 20.65
CA SER B 371 -14.57 13.17 20.57
C SER B 371 -13.71 13.41 19.33
N ALA B 372 -13.92 14.57 18.70
CA ALA B 372 -13.01 15.10 17.69
C ALA B 372 -11.64 15.50 18.29
N SER B 373 -10.77 16.02 17.43
CA SER B 373 -9.41 16.56 17.66
C SER B 373 -8.25 15.57 17.78
N PHE B 374 -8.48 14.29 18.05
CA PHE B 374 -7.37 13.34 18.22
C PHE B 374 -6.76 12.94 16.88
N SER B 375 -5.53 13.36 16.65
CA SER B 375 -4.75 12.98 15.46
C SER B 375 -4.33 11.52 15.49
N THR B 376 -4.14 10.98 16.70
CA THR B 376 -3.88 9.59 16.98
C THR B 376 -4.81 9.14 18.08
N PHE B 377 -5.45 7.99 17.90
CA PHE B 377 -6.05 7.22 18.98
C PHE B 377 -5.83 5.76 18.61
N LYS B 378 -4.85 5.13 19.23
CA LYS B 378 -4.41 3.76 18.93
C LYS B 378 -4.50 2.91 20.19
N CYS B 379 -5.21 1.79 20.17
CA CYS B 379 -5.30 0.89 21.31
C CYS B 379 -4.62 -0.45 21.02
N TYR B 380 -4.00 -1.00 22.05
CA TYR B 380 -3.23 -2.23 22.05
C TYR B 380 -3.86 -3.21 23.04
N GLY B 381 -4.27 -4.39 22.55
CA GLY B 381 -4.89 -5.43 23.37
C GLY B 381 -6.36 -5.17 23.75
N VAL B 382 -6.94 -4.04 23.34
CA VAL B 382 -8.28 -3.57 23.69
C VAL B 382 -8.89 -2.79 22.52
N SER B 383 -10.20 -2.57 22.53
CA SER B 383 -10.89 -1.64 21.61
C SER B 383 -11.73 -0.66 22.44
N PRO B 384 -11.92 0.61 22.05
CA PRO B 384 -12.63 1.58 22.89
C PRO B 384 -14.06 1.16 23.26
N THR B 385 -14.79 0.57 22.33
CA THR B 385 -16.14 0.03 22.58
C THR B 385 -16.12 -1.15 23.57
N LYS B 386 -15.12 -2.03 23.50
CA LYS B 386 -14.93 -3.12 24.47
C LYS B 386 -14.46 -2.62 25.84
N LEU B 387 -13.72 -1.52 25.93
CA LEU B 387 -13.33 -0.94 27.22
C LEU B 387 -14.53 -0.51 28.06
N ASN B 388 -15.61 0.00 27.46
CA ASN B 388 -16.85 0.27 28.19
C ASN B 388 -17.50 -0.99 28.82
N ASP B 389 -17.07 -2.20 28.43
CA ASP B 389 -17.58 -3.47 28.96
C ASP B 389 -16.61 -4.13 29.96
N LEU B 390 -15.51 -3.47 30.33
CA LEU B 390 -14.43 -4.01 31.17
C LEU B 390 -14.22 -3.20 32.44
N CYS B 391 -13.72 -3.85 33.50
CA CYS B 391 -13.40 -3.24 34.78
C CYS B 391 -11.95 -3.50 35.18
N PHE B 392 -11.33 -2.54 35.87
CA PHE B 392 -9.92 -2.53 36.22
C PHE B 392 -9.72 -2.05 37.65
N THR B 393 -8.62 -2.45 38.29
CA THR B 393 -8.30 -2.00 39.64
C THR B 393 -7.89 -0.53 39.63
N ASN B 394 -7.01 -0.15 38.70
CA ASN B 394 -6.61 1.22 38.39
C ASN B 394 -6.53 1.41 36.88
N VAL B 395 -6.60 2.66 36.46
CA VAL B 395 -6.08 3.12 35.18
C VAL B 395 -5.01 4.15 35.46
N TYR B 396 -3.86 4.09 34.78
CA TYR B 396 -2.86 5.14 34.81
C TYR B 396 -2.97 5.97 33.54
N ALA B 397 -2.93 7.29 33.68
CA ALA B 397 -2.86 8.23 32.58
C ALA B 397 -1.55 9.00 32.63
N ASP B 398 -0.66 8.75 31.67
CA ASP B 398 0.64 9.39 31.57
C ASP B 398 0.60 10.49 30.52
N SER B 399 1.11 11.68 30.78
CA SER B 399 0.99 12.79 29.83
C SER B 399 2.23 13.66 29.71
N PHE B 400 2.48 14.14 28.48
CA PHE B 400 3.66 14.92 28.08
C PHE B 400 3.47 15.59 26.72
N VAL B 401 4.35 16.55 26.38
CA VAL B 401 4.50 17.10 25.02
C VAL B 401 5.74 16.54 24.33
N ILE B 402 5.61 16.17 23.06
CA ILE B 402 6.69 15.80 22.13
C ILE B 402 6.49 16.49 20.78
N ARG B 403 7.47 16.39 19.89
CA ARG B 403 7.37 16.83 18.51
C ARG B 403 6.39 15.98 17.71
N GLY B 404 5.71 16.54 16.72
CA GLY B 404 4.70 15.82 15.95
C GLY B 404 5.20 14.57 15.24
N ASP B 405 6.43 14.56 14.72
CA ASP B 405 7.01 13.38 14.10
C ASP B 405 7.63 12.37 15.08
N GLU B 406 7.66 12.65 16.38
CA GLU B 406 8.10 11.69 17.40
C GLU B 406 6.99 10.79 17.91
N VAL B 407 5.71 11.12 17.65
CA VAL B 407 4.53 10.33 18.09
C VAL B 407 4.60 8.88 17.60
N ARG B 408 5.25 8.66 16.47
CA ARG B 408 5.62 7.36 15.89
C ARG B 408 6.32 6.42 16.89
N GLN B 409 7.14 6.98 17.79
CA GLN B 409 7.92 6.27 18.80
C GLN B 409 7.14 5.86 20.04
N ILE B 410 5.93 6.39 20.28
CA ILE B 410 5.11 6.01 21.44
C ILE B 410 4.31 4.75 21.09
N ALA B 411 5.00 3.63 20.94
CA ALA B 411 4.41 2.34 20.62
C ALA B 411 5.29 1.18 21.11
N PRO B 412 4.74 -0.04 21.29
CA PRO B 412 5.50 -1.24 21.61
C PRO B 412 6.66 -1.50 20.62
N GLY B 413 7.84 -1.80 21.13
CA GLY B 413 8.99 -2.21 20.32
C GLY B 413 9.73 -1.10 19.56
N GLN B 414 9.40 0.17 19.77
CA GLN B 414 10.06 1.29 19.07
C GLN B 414 11.42 1.66 19.65
N THR B 415 12.23 2.34 18.84
CA THR B 415 13.56 2.87 19.18
C THR B 415 13.70 4.30 18.65
N GLY B 416 14.65 5.06 19.18
CA GLY B 416 14.82 6.49 18.93
C GLY B 416 14.84 7.26 20.24
N LYS B 417 15.32 8.49 20.26
CA LYS B 417 15.59 9.23 21.51
C LYS B 417 14.42 9.35 22.47
N ILE B 418 13.17 9.35 22.00
CA ILE B 418 12.03 9.35 22.92
C ILE B 418 11.85 7.97 23.53
N ALA B 419 11.71 6.93 22.72
CA ALA B 419 11.51 5.58 23.22
C ALA B 419 12.68 5.08 24.08
N ASP B 420 13.91 5.45 23.71
CA ASP B 420 15.13 5.04 24.38
C ASP B 420 15.45 5.82 25.65
N TYR B 421 15.38 7.16 25.64
CA TYR B 421 15.85 8.00 26.75
C TYR B 421 14.77 8.70 27.56
N ASN B 422 13.50 8.72 27.11
CA ASN B 422 12.47 9.58 27.71
C ASN B 422 11.24 8.82 28.23
N TYR B 423 10.60 8.02 27.39
CA TYR B 423 9.38 7.30 27.74
C TYR B 423 9.28 6.00 26.95
N LYS B 424 9.34 4.86 27.64
CA LYS B 424 9.33 3.53 27.03
C LYS B 424 8.05 2.78 27.37
N LEU B 425 7.36 2.25 26.35
CA LEU B 425 6.29 1.26 26.53
C LEU B 425 6.84 -0.17 26.54
N PRO B 426 6.28 -1.08 27.35
CA PRO B 426 6.62 -2.49 27.27
C PRO B 426 6.13 -3.13 25.96
N ASP B 427 6.70 -4.27 25.60
CA ASP B 427 6.25 -5.04 24.42
C ASP B 427 4.92 -5.75 24.63
N ASP B 428 4.53 -6.01 25.89
CA ASP B 428 3.24 -6.60 26.28
C ASP B 428 2.24 -5.53 26.80
N PHE B 429 2.30 -4.31 26.27
CA PHE B 429 1.44 -3.19 26.65
C PHE B 429 -0.05 -3.45 26.40
N THR B 430 -0.89 -3.23 27.43
CA THR B 430 -2.35 -3.18 27.32
C THR B 430 -2.81 -1.76 27.64
N GLY B 431 -3.38 -1.07 26.66
CA GLY B 431 -3.57 0.37 26.80
C GLY B 431 -3.90 1.09 25.49
N CYS B 432 -4.13 2.39 25.58
CA CYS B 432 -4.38 3.27 24.45
C CYS B 432 -3.41 4.46 24.44
N VAL B 433 -2.92 4.84 23.28
CA VAL B 433 -2.12 6.06 23.06
C VAL B 433 -2.99 7.06 22.32
N ILE B 434 -3.15 8.25 22.88
CA ILE B 434 -3.92 9.35 22.32
C ILE B 434 -3.00 10.53 22.10
N ALA B 435 -3.03 11.17 20.93
CA ALA B 435 -2.24 12.38 20.68
C ALA B 435 -2.98 13.39 19.83
N TRP B 436 -2.72 14.67 20.03
CA TRP B 436 -3.29 15.75 19.23
C TRP B 436 -2.31 16.90 19.08
N ASN B 437 -2.43 17.64 17.97
CA ASN B 437 -1.65 18.81 17.70
C ASN B 437 -2.04 19.94 18.66
N SER B 438 -1.06 20.54 19.33
CA SER B 438 -1.28 21.62 20.30
C SER B 438 -0.54 22.89 19.91
N ASN B 439 -0.31 23.14 18.63
CA ASN B 439 0.47 24.29 18.16
C ASN B 439 -0.04 25.64 18.70
N ASN B 440 -1.35 25.84 18.78
CA ASN B 440 -1.95 27.04 19.32
C ASN B 440 -1.84 27.20 20.85
N LEU B 441 -1.59 26.12 21.61
CA LEU B 441 -1.37 26.18 23.06
C LEU B 441 0.11 26.26 23.44
N ASP B 442 0.96 25.53 22.71
CA ASP B 442 2.33 25.20 23.12
C ASP B 442 3.42 25.84 22.27
N SER B 443 3.12 26.52 21.16
CA SER B 443 4.10 27.40 20.50
C SER B 443 3.99 28.85 20.98
N LYS B 444 5.08 29.62 20.85
CA LYS B 444 5.16 31.07 21.13
C LYS B 444 5.78 31.78 19.93
N VAL B 445 5.46 33.04 19.69
CA VAL B 445 6.03 33.82 18.57
C VAL B 445 7.54 34.07 18.76
N GLY B 446 8.00 34.22 20.00
CA GLY B 446 9.43 34.23 20.35
C GLY B 446 10.08 32.84 20.41
N GLY B 447 9.35 31.78 20.04
CA GLY B 447 9.73 30.38 20.26
C GLY B 447 9.48 29.93 21.68
N ASN B 448 8.80 28.80 21.88
CA ASN B 448 8.62 28.23 23.21
C ASN B 448 9.72 27.21 23.51
N TYR B 449 10.50 27.47 24.57
CA TYR B 449 11.59 26.62 25.04
C TYR B 449 11.34 26.05 26.45
N ASN B 450 10.10 26.10 26.95
CA ASN B 450 9.72 25.53 28.25
C ASN B 450 9.63 23.99 28.25
N TYR B 451 9.57 23.34 27.09
CA TYR B 451 9.52 21.89 26.97
C TYR B 451 10.88 21.32 26.59
N LEU B 452 11.33 20.28 27.29
CA LEU B 452 12.63 19.64 27.10
C LEU B 452 12.50 18.14 26.82
N TYR B 453 13.54 17.55 26.26
CA TYR B 453 13.69 16.11 26.13
C TYR B 453 15.14 15.69 26.41
N ARG B 454 15.33 14.45 26.85
CA ARG B 454 16.63 13.85 27.14
C ARG B 454 17.33 13.45 25.85
N LEU B 455 18.43 14.14 25.57
CA LEU B 455 19.23 14.00 24.37
C LEU B 455 20.29 12.89 24.50
N PHE B 456 20.88 12.74 25.69
CA PHE B 456 21.96 11.79 25.98
C PHE B 456 21.67 10.95 27.23
N ARG B 457 21.96 9.65 27.19
CA ARG B 457 21.89 8.74 28.34
C ARG B 457 22.88 7.58 28.23
N LYS B 458 23.34 7.05 29.36
CA LYS B 458 24.21 5.85 29.47
C LYS B 458 23.62 4.63 28.75
N SER B 459 22.33 4.41 28.90
CA SER B 459 21.61 3.21 28.46
C SER B 459 20.12 3.51 28.30
N ASN B 460 19.40 2.65 27.58
CA ASN B 460 17.96 2.80 27.37
C ASN B 460 17.14 2.60 28.65
N LEU B 461 16.02 3.28 28.77
CA LEU B 461 15.05 3.14 29.86
C LEU B 461 14.46 1.74 29.92
N LYS B 462 14.10 1.28 31.12
CA LYS B 462 13.15 0.18 31.31
C LYS B 462 11.72 0.67 31.00
N PRO B 463 10.77 -0.21 30.67
CA PRO B 463 9.37 0.17 30.51
C PRO B 463 8.81 0.92 31.71
N PHE B 464 8.14 2.05 31.46
CA PHE B 464 7.62 2.99 32.48
C PHE B 464 8.65 3.48 33.51
N GLU B 465 9.93 3.45 33.19
CA GLU B 465 10.96 4.17 33.95
C GLU B 465 10.94 5.67 33.64
N ARG B 466 11.32 6.51 34.60
CA ARG B 466 11.46 7.96 34.46
C ARG B 466 12.85 8.38 34.92
N ASP B 467 13.43 9.41 34.31
CA ASP B 467 14.76 9.90 34.65
C ASP B 467 14.83 11.43 34.54
N ILE B 468 14.57 12.10 35.66
CA ILE B 468 14.59 13.57 35.79
C ILE B 468 15.97 14.13 36.16
N SER B 469 17.03 13.32 36.11
CA SER B 469 18.39 13.73 36.50
C SER B 469 18.96 14.81 35.59
N THR B 470 19.85 15.66 36.10
CA THR B 470 20.55 16.71 35.33
C THR B 470 22.07 16.66 35.45
N GLU B 471 22.63 15.53 35.90
CA GLU B 471 24.07 15.28 35.92
C GLU B 471 24.66 15.36 34.50
N ILE B 472 25.72 16.16 34.32
CA ILE B 472 26.35 16.37 33.01
C ILE B 472 26.79 15.02 32.44
N TYR B 473 26.42 14.77 31.19
CA TYR B 473 26.74 13.56 30.45
C TYR B 473 28.19 13.57 30.01
N GLN B 474 28.82 12.40 30.00
CA GLN B 474 30.19 12.20 29.58
C GLN B 474 30.24 11.30 28.35
N ALA B 475 30.65 11.84 27.21
CA ALA B 475 31.03 11.04 26.04
C ALA B 475 32.53 10.69 26.03
N GLY B 476 33.38 11.53 26.65
CA GLY B 476 34.84 11.33 26.73
C GLY B 476 35.32 10.39 27.82
N SER B 477 36.63 10.38 28.07
CA SER B 477 37.28 9.56 29.11
C SER B 477 37.36 10.24 30.49
N THR B 478 37.49 11.56 30.54
CA THR B 478 37.62 12.31 31.80
C THR B 478 36.28 12.41 32.55
N PRO B 479 36.28 12.38 33.90
CA PRO B 479 35.10 12.75 34.67
C PRO B 479 34.77 14.23 34.43
N CYS B 480 33.52 14.52 34.06
CA CYS B 480 33.09 15.89 33.75
C CYS B 480 32.99 16.80 34.98
N ASN B 481 32.99 16.23 36.19
CA ASN B 481 32.98 16.96 37.47
C ASN B 481 31.83 17.98 37.61
N GLY B 482 30.69 17.73 36.97
CA GLY B 482 29.54 18.63 36.95
C GLY B 482 29.76 19.94 36.17
N VAL B 483 30.67 19.95 35.20
CA VAL B 483 31.00 21.11 34.35
C VAL B 483 30.93 20.71 32.88
N GLU B 484 30.28 21.52 32.03
CA GLU B 484 30.21 21.28 30.59
C GLU B 484 31.56 21.58 29.90
N GLY B 485 31.86 20.91 28.79
CA GLY B 485 33.15 21.03 28.13
C GLY B 485 33.20 20.44 26.72
N PHE B 486 34.38 19.93 26.33
CA PHE B 486 34.66 19.45 24.97
C PHE B 486 33.68 18.37 24.49
N ASN B 487 33.50 17.32 25.29
CA ASN B 487 32.50 16.27 25.09
C ASN B 487 31.84 15.84 26.43
N CYS B 488 31.69 16.83 27.30
CA CYS B 488 30.87 16.81 28.50
C CYS B 488 29.64 17.71 28.28
N TYR B 489 28.44 17.15 28.31
CA TYR B 489 27.21 17.77 27.77
C TYR B 489 26.09 17.86 28.80
N PHE B 490 25.31 18.94 28.80
CA PHE B 490 24.06 18.94 29.55
C PHE B 490 23.05 17.97 28.90
N PRO B 491 22.43 17.03 29.65
CA PRO B 491 21.73 15.89 29.07
C PRO B 491 20.35 16.20 28.46
N LEU B 492 19.74 17.34 28.82
CA LEU B 492 18.42 17.77 28.38
C LEU B 492 18.53 18.89 27.34
N GLN B 493 17.75 18.80 26.27
CA GLN B 493 17.66 19.84 25.25
C GLN B 493 16.23 20.34 25.10
N SER B 494 16.03 21.62 24.83
CA SER B 494 14.70 22.18 24.57
C SER B 494 14.23 21.90 23.14
N TYR B 495 12.93 21.65 22.99
CA TYR B 495 12.27 21.96 21.71
C TYR B 495 12.16 23.47 21.56
N GLY B 496 12.06 23.97 20.33
CA GLY B 496 11.87 25.39 20.07
C GLY B 496 10.61 25.62 19.27
N PHE B 497 9.44 25.50 19.91
CA PHE B 497 8.18 25.50 19.20
C PHE B 497 7.77 26.92 18.73
N GLN B 498 7.93 27.18 17.44
CA GLN B 498 7.48 28.41 16.76
C GLN B 498 6.14 28.11 16.04
N PRO B 499 5.16 29.03 16.03
CA PRO B 499 3.87 28.78 15.39
C PRO B 499 3.97 28.50 13.88
N THR B 500 5.05 28.98 13.24
CA THR B 500 5.37 28.81 11.82
C THR B 500 6.13 27.52 11.49
N ASN B 501 6.43 26.65 12.46
CA ASN B 501 7.08 25.36 12.20
C ASN B 501 6.25 24.49 11.24
N GLY B 502 6.90 23.61 10.48
CA GLY B 502 6.20 22.56 9.73
C GLY B 502 5.55 21.55 10.67
N VAL B 503 4.51 20.86 10.23
CA VAL B 503 3.63 20.08 11.14
C VAL B 503 4.37 18.97 11.89
N GLY B 504 5.43 18.39 11.33
CA GLY B 504 6.29 17.43 12.02
C GLY B 504 7.17 18.03 13.13
N TYR B 505 7.40 19.34 13.10
CA TYR B 505 8.13 20.12 14.11
C TYR B 505 7.23 20.90 15.07
N GLN B 506 5.91 20.77 14.97
CA GLN B 506 4.94 21.37 15.88
C GLN B 506 4.77 20.52 17.16
N PRO B 507 4.29 21.10 18.28
CA PRO B 507 4.06 20.38 19.52
C PRO B 507 2.81 19.51 19.48
N TYR B 508 2.89 18.31 20.04
CA TYR B 508 1.78 17.39 20.19
C TYR B 508 1.64 17.02 21.66
N ARG B 509 0.43 17.13 22.20
CA ARG B 509 0.08 16.63 23.53
C ARG B 509 -0.30 15.18 23.44
N VAL B 510 0.31 14.34 24.28
CA VAL B 510 0.16 12.89 24.28
C VAL B 510 -0.35 12.44 25.63
N VAL B 511 -1.37 11.59 25.64
CA VAL B 511 -1.84 10.85 26.81
C VAL B 511 -1.72 9.36 26.53
N VAL B 512 -1.09 8.61 27.42
CA VAL B 512 -1.07 7.15 27.38
C VAL B 512 -1.91 6.62 28.52
N LEU B 513 -2.90 5.77 28.22
CA LEU B 513 -3.73 5.10 29.21
C LEU B 513 -3.30 3.64 29.36
N SER B 514 -2.91 3.25 30.57
CA SER B 514 -2.55 1.87 30.93
C SER B 514 -3.62 1.30 31.84
N PHE B 515 -4.13 0.11 31.53
CA PHE B 515 -5.21 -0.52 32.29
C PHE B 515 -4.65 -1.62 33.19
N GLU B 516 -4.87 -1.53 34.50
CA GLU B 516 -4.28 -2.44 35.49
C GLU B 516 -5.33 -3.28 36.22
N LEU B 517 -5.20 -4.60 36.18
CA LEU B 517 -6.01 -5.53 36.96
C LEU B 517 -5.14 -6.31 37.96
N LEU B 518 -5.43 -6.18 39.26
CA LEU B 518 -4.70 -6.82 40.36
C LEU B 518 -5.53 -7.90 41.07
N HIS B 519 -4.96 -8.52 42.09
CA HIS B 519 -5.71 -9.24 43.13
C HIS B 519 -6.36 -8.25 44.10
N ALA B 520 -7.32 -7.47 43.61
CA ALA B 520 -8.07 -6.47 44.36
C ALA B 520 -9.40 -6.17 43.66
N PRO B 521 -10.39 -5.54 44.33
CA PRO B 521 -11.62 -5.10 43.71
C PRO B 521 -11.40 -4.18 42.49
N ALA B 522 -12.13 -4.41 41.42
CA ALA B 522 -12.03 -3.65 40.18
C ALA B 522 -12.75 -2.28 40.28
N THR B 523 -12.07 -1.28 40.85
CA THR B 523 -12.66 0.02 41.21
C THR B 523 -13.03 0.95 40.05
N VAL B 524 -12.58 0.67 38.82
CA VAL B 524 -12.90 1.45 37.61
C VAL B 524 -13.71 0.57 36.66
N CYS B 525 -14.85 1.04 36.19
CA CYS B 525 -15.72 0.30 35.28
C CYS B 525 -16.39 1.24 34.27
N GLY B 526 -16.80 0.72 33.13
CA GLY B 526 -17.69 1.46 32.22
C GLY B 526 -19.11 1.65 32.78
N PRO B 527 -19.85 2.66 32.32
CA PRO B 527 -21.21 2.94 32.80
C PRO B 527 -22.22 1.85 32.43
N LYS B 528 -23.00 1.35 33.40
CA LYS B 528 -24.09 0.37 33.16
C LYS B 528 -25.38 1.06 32.71
N LYS B 529 -25.87 0.71 31.52
CA LYS B 529 -27.10 1.23 30.90
C LYS B 529 -28.36 0.63 31.53
N SER B 530 -29.45 1.40 31.58
CA SER B 530 -30.77 0.98 32.08
C SER B 530 -31.87 1.21 31.05
N THR B 531 -32.81 0.27 30.96
CA THR B 531 -34.11 0.48 30.31
C THR B 531 -35.05 1.30 31.19
N ASN B 532 -36.25 1.61 30.71
CA ASN B 532 -37.35 2.05 31.59
C ASN B 532 -37.83 0.92 32.51
N LEU B 533 -38.61 1.25 33.53
CA LEU B 533 -39.42 0.27 34.27
C LEU B 533 -40.65 -0.14 33.45
N VAL B 534 -41.10 -1.37 33.64
CA VAL B 534 -42.35 -1.89 33.05
C VAL B 534 -43.15 -2.60 34.13
N LYS B 535 -44.06 -1.89 34.77
CA LYS B 535 -45.01 -2.44 35.75
C LYS B 535 -46.15 -3.20 35.07
N ASN B 536 -46.83 -4.07 35.82
CA ASN B 536 -48.04 -4.80 35.43
C ASN B 536 -47.90 -5.80 34.26
N LYS B 537 -46.69 -6.26 33.93
CA LYS B 537 -46.38 -7.19 32.83
C LYS B 537 -45.32 -8.20 33.26
N GLN C 3 -3.56 -12.72 -12.27
CA GLN C 3 -3.31 -12.04 -13.56
C GLN C 3 -4.54 -11.23 -14.00
N LEU C 4 -4.36 -9.97 -14.43
CA LEU C 4 -5.39 -9.09 -15.00
C LEU C 4 -4.87 -8.44 -16.28
N GLN C 5 -5.70 -8.32 -17.30
CA GLN C 5 -5.30 -7.86 -18.64
C GLN C 5 -6.32 -6.88 -19.21
N GLU C 6 -6.03 -5.59 -19.20
CA GLU C 6 -6.84 -4.55 -19.81
C GLU C 6 -6.60 -4.41 -21.31
N SER C 7 -7.67 -4.07 -22.03
CA SER C 7 -7.73 -3.92 -23.47
C SER C 7 -8.75 -2.84 -23.86
N GLY C 8 -8.61 -2.29 -25.07
CA GLY C 8 -9.58 -1.37 -25.65
C GLY C 8 -9.22 0.12 -25.62
N GLY C 9 -7.96 0.46 -25.37
CA GLY C 9 -7.48 1.85 -25.32
C GLY C 9 -7.33 2.54 -26.68
N GLY C 10 -6.32 3.41 -26.82
CA GLY C 10 -5.96 4.09 -28.06
C GLY C 10 -6.46 5.53 -28.19
N LEU C 11 -6.24 6.11 -29.37
CA LEU C 11 -6.59 7.49 -29.73
C LEU C 11 -8.09 7.62 -30.01
N VAL C 12 -8.70 8.70 -29.52
CA VAL C 12 -10.12 9.05 -29.73
C VAL C 12 -10.27 10.56 -29.95
N GLN C 13 -11.25 10.96 -30.74
CA GLN C 13 -11.66 12.36 -30.90
C GLN C 13 -12.45 12.85 -29.67
N PRO C 14 -12.23 14.07 -29.15
CA PRO C 14 -13.03 14.66 -28.08
C PRO C 14 -14.52 14.67 -28.37
N GLY C 15 -15.34 14.44 -27.35
CA GLY C 15 -16.78 14.19 -27.47
C GLY C 15 -17.14 12.75 -27.88
N GLY C 16 -16.15 11.92 -28.24
CA GLY C 16 -16.35 10.53 -28.65
C GLY C 16 -16.58 9.53 -27.51
N SER C 17 -16.67 8.26 -27.86
CA SER C 17 -16.87 7.12 -26.96
C SER C 17 -15.83 6.02 -27.13
N LEU C 18 -15.61 5.23 -26.09
CA LEU C 18 -14.70 4.09 -26.05
C LEU C 18 -15.21 3.03 -25.07
N ARG C 19 -14.87 1.76 -25.26
CA ARG C 19 -15.14 0.71 -24.27
C ARG C 19 -13.85 0.01 -23.86
N LEU C 20 -13.49 0.15 -22.59
CA LEU C 20 -12.43 -0.64 -21.98
C LEU C 20 -12.96 -1.98 -21.52
N SER C 21 -12.12 -3.00 -21.55
CA SER C 21 -12.39 -4.33 -21.03
C SER C 21 -11.17 -4.83 -20.28
N CYS C 22 -11.37 -5.77 -19.36
CA CYS C 22 -10.32 -6.32 -18.53
C CYS C 22 -10.64 -7.79 -18.21
N ALA C 23 -9.75 -8.71 -18.61
CA ALA C 23 -9.93 -10.13 -18.44
C ALA C 23 -9.12 -10.67 -17.26
N ALA C 24 -9.75 -11.46 -16.39
CA ALA C 24 -9.15 -11.99 -15.16
C ALA C 24 -8.80 -13.48 -15.26
N SER C 25 -7.63 -13.84 -14.74
CA SER C 25 -7.10 -15.20 -14.78
C SER C 25 -6.36 -15.56 -13.49
N GLY C 26 -6.59 -16.75 -12.95
CA GLY C 26 -5.83 -17.29 -11.82
C GLY C 26 -6.32 -16.88 -10.43
N PHE C 27 -7.52 -16.29 -10.32
CA PHE C 27 -8.17 -15.97 -9.05
C PHE C 27 -9.69 -15.93 -9.20
N THR C 28 -10.42 -16.03 -8.10
CA THR C 28 -11.89 -16.05 -8.07
C THR C 28 -12.50 -14.64 -8.21
N PHE C 29 -12.35 -14.04 -9.39
CA PHE C 29 -12.86 -12.72 -9.77
C PHE C 29 -14.32 -12.48 -9.33
N SER C 30 -15.14 -13.51 -9.44
CA SER C 30 -16.56 -13.52 -9.10
C SER C 30 -16.88 -13.20 -7.64
N SER C 31 -15.91 -13.32 -6.72
CA SER C 31 -16.11 -13.08 -5.29
C SER C 31 -16.04 -11.62 -4.89
N TYR C 32 -15.44 -10.75 -5.70
CA TYR C 32 -14.88 -9.47 -5.25
C TYR C 32 -15.52 -8.25 -5.89
N GLU C 33 -15.55 -7.13 -5.17
CA GLU C 33 -15.58 -5.82 -5.83
C GLU C 33 -14.44 -5.68 -6.81
N MET C 34 -14.66 -4.95 -7.88
CA MET C 34 -13.60 -4.55 -8.80
C MET C 34 -13.69 -3.06 -9.07
N ASN C 35 -12.54 -2.45 -9.34
CA ASN C 35 -12.38 -1.01 -9.46
C ASN C 35 -11.71 -0.64 -10.78
N TRP C 36 -12.03 0.55 -11.28
CA TRP C 36 -11.22 1.25 -12.26
C TRP C 36 -10.53 2.42 -11.59
N VAL C 37 -9.23 2.55 -11.82
CA VAL C 37 -8.35 3.62 -11.34
C VAL C 37 -7.59 4.15 -12.55
N ARG C 38 -7.26 5.42 -12.63
CA ARG C 38 -6.52 6.01 -13.75
C ARG C 38 -5.35 6.86 -13.29
N GLN C 39 -4.45 7.13 -14.21
CA GLN C 39 -3.30 8.00 -13.99
C GLN C 39 -2.99 8.80 -15.25
N ALA C 40 -3.28 10.11 -15.24
CA ALA C 40 -2.94 10.98 -16.35
C ALA C 40 -1.42 11.08 -16.51
N PRO C 41 -0.88 11.33 -17.72
CA PRO C 41 0.58 11.37 -17.93
C PRO C 41 1.27 12.38 -17.02
N GLY C 42 2.21 11.92 -16.20
CA GLY C 42 2.94 12.72 -15.21
C GLY C 42 2.18 13.08 -13.92
N LYS C 43 0.95 12.62 -13.74
CA LYS C 43 0.11 12.87 -12.55
C LYS C 43 0.05 11.67 -11.59
N GLY C 44 -0.64 11.83 -10.48
CA GLY C 44 -0.91 10.78 -9.50
C GLY C 44 -2.12 9.91 -9.84
N LEU C 45 -2.34 8.88 -9.04
CA LEU C 45 -3.46 7.96 -9.14
C LEU C 45 -4.79 8.63 -8.81
N GLU C 46 -5.85 8.26 -9.50
CA GLU C 46 -7.20 8.78 -9.34
C GLU C 46 -8.19 7.64 -9.51
N TRP C 47 -9.02 7.34 -8.51
CA TRP C 47 -10.05 6.33 -8.62
C TRP C 47 -11.20 6.80 -9.53
N VAL C 48 -11.77 5.89 -10.32
CA VAL C 48 -12.80 6.17 -11.31
C VAL C 48 -14.14 5.60 -10.87
N ALA C 49 -14.21 4.30 -10.59
CA ALA C 49 -15.47 3.61 -10.30
C ALA C 49 -15.27 2.27 -9.59
N VAL C 50 -16.30 1.79 -8.89
CA VAL C 50 -16.36 0.46 -8.26
C VAL C 50 -17.67 -0.24 -8.64
N ILE C 51 -17.64 -1.57 -8.69
CA ILE C 51 -18.82 -2.43 -8.84
C ILE C 51 -18.75 -3.61 -7.88
N SER C 52 -19.88 -4.00 -7.29
CA SER C 52 -20.02 -5.18 -6.42
C SER C 52 -19.73 -6.50 -7.13
N TYR C 53 -19.57 -7.56 -6.34
CA TYR C 53 -19.23 -8.90 -6.86
C TYR C 53 -20.27 -9.46 -7.86
N ASP C 54 -21.54 -9.12 -7.69
CA ASP C 54 -22.64 -9.58 -8.52
C ASP C 54 -23.25 -8.49 -9.44
N GLY C 55 -22.64 -7.30 -9.49
CA GLY C 55 -23.13 -6.16 -10.28
C GLY C 55 -24.29 -5.35 -9.67
N SER C 56 -24.80 -5.69 -8.48
CA SER C 56 -25.98 -5.02 -7.90
C SER C 56 -25.81 -3.53 -7.59
N ASN C 57 -24.59 -3.10 -7.23
CA ASN C 57 -24.28 -1.72 -6.85
C ASN C 57 -23.05 -1.20 -7.62
N LYS C 58 -23.09 0.08 -8.00
CA LYS C 58 -22.08 0.77 -8.80
C LYS C 58 -21.88 2.16 -8.26
N TYR C 59 -20.65 2.66 -8.22
CA TYR C 59 -20.33 4.03 -7.79
C TYR C 59 -19.19 4.61 -8.61
N TYR C 60 -19.12 5.92 -8.66
CA TYR C 60 -18.29 6.68 -9.59
C TYR C 60 -17.68 7.91 -8.93
N ALA C 61 -16.55 8.40 -9.44
CA ALA C 61 -16.07 9.73 -9.15
C ALA C 61 -16.98 10.80 -9.82
N ASP C 62 -17.14 11.97 -9.20
CA ASP C 62 -17.98 13.04 -9.76
C ASP C 62 -17.43 13.62 -11.08
N SER C 63 -16.16 13.41 -11.39
CA SER C 63 -15.56 13.75 -12.69
C SER C 63 -16.15 12.95 -13.87
N VAL C 64 -16.66 11.75 -13.59
CA VAL C 64 -17.05 10.76 -14.61
C VAL C 64 -18.49 10.31 -14.49
N LYS C 65 -19.17 10.63 -13.40
CA LYS C 65 -20.55 10.22 -13.14
C LYS C 65 -21.50 10.71 -14.24
N GLY C 66 -22.42 9.84 -14.67
CA GLY C 66 -23.23 10.00 -15.87
C GLY C 66 -22.49 9.64 -17.16
N ARG C 67 -21.29 10.19 -17.38
CA ARG C 67 -20.47 9.98 -18.59
C ARG C 67 -19.95 8.55 -18.77
N PHE C 68 -19.58 7.88 -17.69
CA PHE C 68 -19.01 6.53 -17.72
C PHE C 68 -19.95 5.52 -17.05
N THR C 69 -19.91 4.26 -17.49
CA THR C 69 -20.66 3.13 -16.92
C THR C 69 -19.73 1.96 -16.62
N ILE C 70 -19.80 1.37 -15.43
CA ILE C 70 -19.02 0.18 -15.06
C ILE C 70 -19.93 -1.07 -15.11
N SER C 71 -19.43 -2.17 -15.67
CA SER C 71 -20.17 -3.43 -15.73
C SER C 71 -19.24 -4.64 -15.70
N ARG C 72 -19.79 -5.83 -15.44
CA ARG C 72 -19.05 -7.09 -15.39
C ARG C 72 -19.90 -8.25 -15.88
N ASP C 73 -19.26 -9.33 -16.32
CA ASP C 73 -19.87 -10.67 -16.21
C ASP C 73 -18.86 -11.70 -15.71
N ASN C 74 -19.29 -12.44 -14.69
CA ASN C 74 -18.42 -13.35 -13.96
C ASN C 74 -18.21 -14.68 -14.70
N ALA C 75 -19.12 -15.09 -15.58
CA ALA C 75 -18.95 -16.25 -16.46
C ALA C 75 -17.74 -16.12 -17.40
N LYS C 76 -17.51 -14.90 -17.91
CA LYS C 76 -16.37 -14.53 -18.77
C LYS C 76 -15.18 -13.96 -18.00
N ASN C 77 -15.22 -13.92 -16.67
CA ASN C 77 -14.20 -13.30 -15.81
C ASN C 77 -13.79 -11.90 -16.29
N SER C 78 -14.76 -11.04 -16.63
CA SER C 78 -14.48 -9.78 -17.33
C SER C 78 -15.16 -8.56 -16.71
N LEU C 79 -14.42 -7.47 -16.69
CA LEU C 79 -14.82 -6.16 -16.19
C LEU C 79 -14.77 -5.15 -17.35
N TYR C 80 -15.73 -4.24 -17.42
CA TYR C 80 -15.86 -3.27 -18.50
C TYR C 80 -16.04 -1.85 -17.98
N LEU C 81 -15.59 -0.87 -18.77
CA LEU C 81 -15.88 0.53 -18.57
C LEU C 81 -16.32 1.13 -19.91
N GLN C 82 -17.60 1.44 -20.04
CA GLN C 82 -18.10 2.23 -21.14
C GLN C 82 -17.82 3.70 -20.85
N MET C 83 -17.10 4.39 -21.73
CA MET C 83 -16.76 5.80 -21.57
C MET C 83 -17.41 6.60 -22.70
N ASN C 84 -18.25 7.57 -22.37
CA ASN C 84 -18.94 8.44 -23.32
C ASN C 84 -18.61 9.92 -23.03
N SER C 85 -18.80 10.79 -24.00
CA SER C 85 -18.47 12.22 -23.88
C SER C 85 -17.02 12.45 -23.45
N LEU C 86 -16.06 11.74 -24.08
CA LEU C 86 -14.65 11.79 -23.71
C LEU C 86 -14.05 13.19 -23.88
N ARG C 87 -13.47 13.74 -22.83
CA ARG C 87 -12.77 15.04 -22.82
C ARG C 87 -11.27 14.81 -22.95
N ALA C 88 -10.48 15.83 -23.29
CA ALA C 88 -9.02 15.73 -23.21
C ALA C 88 -8.53 15.42 -21.78
N GLU C 89 -9.29 15.87 -20.78
CA GLU C 89 -9.16 15.57 -19.35
C GLU C 89 -9.12 14.07 -19.02
N ASP C 90 -9.73 13.22 -19.86
CA ASP C 90 -9.78 11.78 -19.68
C ASP C 90 -8.58 11.02 -20.25
N THR C 91 -7.58 11.71 -20.81
CA THR C 91 -6.33 11.09 -21.29
C THR C 91 -5.51 10.54 -20.14
N ALA C 92 -5.39 9.21 -20.03
CA ALA C 92 -4.71 8.54 -18.92
C ALA C 92 -4.43 7.06 -19.22
N VAL C 93 -3.52 6.43 -18.48
CA VAL C 93 -3.53 4.97 -18.31
C VAL C 93 -4.67 4.60 -17.36
N TYR C 94 -5.51 3.65 -17.75
CA TYR C 94 -6.60 3.10 -16.96
C TYR C 94 -6.21 1.71 -16.50
N TYR C 95 -6.39 1.45 -15.21
CA TYR C 95 -6.05 0.23 -14.51
C TYR C 95 -7.29 -0.42 -13.93
N CYS C 96 -7.31 -1.73 -13.98
CA CYS C 96 -8.32 -2.61 -13.43
C CYS C 96 -7.78 -3.22 -12.14
N ALA C 97 -8.49 -3.12 -11.01
CA ALA C 97 -7.89 -3.44 -9.71
C ALA C 97 -8.84 -4.04 -8.67
N ARG C 98 -8.32 -4.93 -7.83
CA ARG C 98 -8.91 -5.36 -6.55
C ARG C 98 -8.17 -4.62 -5.43
N LEU C 99 -8.90 -3.82 -4.65
CA LEU C 99 -8.37 -2.95 -3.60
C LEU C 99 -8.64 -3.58 -2.23
N ILE C 100 -7.62 -3.65 -1.38
CA ILE C 100 -7.74 -4.16 -0.01
C ILE C 100 -8.31 -3.07 0.91
N THR C 101 -9.13 -3.46 1.88
CA THR C 101 -9.68 -2.57 2.91
C THR C 101 -9.15 -2.96 4.29
N MET C 102 -9.72 -3.98 4.94
CA MET C 102 -9.48 -4.30 6.35
C MET C 102 -9.27 -5.80 6.63
N VAL C 103 -9.42 -6.65 5.62
CA VAL C 103 -9.33 -8.11 5.67
C VAL C 103 -8.19 -8.56 4.77
N ARG C 104 -7.33 -9.48 5.24
CA ARG C 104 -6.14 -9.91 4.51
C ARG C 104 -6.49 -10.71 3.26
N GLY C 105 -5.90 -10.35 2.14
CA GLY C 105 -6.10 -11.03 0.86
C GLY C 105 -5.07 -10.59 -0.17
N GLU C 106 -5.01 -11.31 -1.28
CA GLU C 106 -4.11 -10.94 -2.38
C GLU C 106 -4.75 -9.85 -3.25
N ASP C 107 -4.04 -8.74 -3.42
CA ASP C 107 -4.45 -7.65 -4.30
C ASP C 107 -3.99 -7.93 -5.73
N TYR C 108 -4.75 -7.47 -6.72
CA TYR C 108 -4.36 -7.57 -8.13
C TYR C 108 -4.60 -6.23 -8.81
N TRP C 109 -3.63 -5.78 -9.59
CA TRP C 109 -3.74 -4.66 -10.52
C TRP C 109 -3.35 -5.16 -11.90
N GLY C 110 -4.10 -4.79 -12.92
CA GLY C 110 -3.73 -5.12 -14.29
C GLY C 110 -2.54 -4.28 -14.78
N GLN C 111 -2.05 -4.59 -15.96
CA GLN C 111 -0.91 -3.91 -16.59
C GLN C 111 -1.24 -2.49 -17.07
N GLY C 112 -2.51 -2.14 -17.18
CA GLY C 112 -3.03 -0.83 -17.55
C GLY C 112 -3.07 -0.59 -19.06
N THR C 113 -4.07 0.14 -19.54
CA THR C 113 -4.25 0.49 -20.96
C THR C 113 -4.38 2.00 -21.12
N LEU C 114 -3.75 2.59 -22.15
CA LEU C 114 -3.72 4.04 -22.36
C LEU C 114 -4.86 4.49 -23.27
N VAL C 115 -5.64 5.46 -22.82
CA VAL C 115 -6.66 6.19 -23.59
C VAL C 115 -6.14 7.59 -23.87
N THR C 116 -6.09 8.02 -25.14
CA THR C 116 -5.65 9.35 -25.56
C THR C 116 -6.80 10.09 -26.22
N VAL C 117 -7.15 11.28 -25.76
CA VAL C 117 -8.31 12.02 -26.27
C VAL C 117 -7.87 13.37 -26.79
N SER C 118 -7.73 13.52 -28.12
CA SER C 118 -7.34 14.78 -28.77
C SER C 118 -7.70 14.78 -30.26
N SER C 119 -7.81 15.98 -30.86
CA SER C 119 -8.20 16.17 -32.26
C SER C 119 -7.04 16.22 -33.25
N ALA C 120 -5.79 16.12 -32.79
CA ALA C 120 -4.67 15.88 -33.66
C ALA C 120 -4.79 14.52 -34.40
N SER C 121 -3.96 14.31 -35.43
CA SER C 121 -3.98 13.10 -36.26
C SER C 121 -2.57 12.72 -36.71
N THR C 122 -2.33 11.44 -37.02
CA THR C 122 -1.00 10.88 -37.25
C THR C 122 -0.21 11.66 -38.29
N LYS C 123 1.03 12.02 -37.95
CA LYS C 123 1.96 12.79 -38.78
C LYS C 123 3.40 12.39 -38.44
N GLY C 124 4.28 12.44 -39.45
CA GLY C 124 5.67 11.98 -39.34
C GLY C 124 6.59 12.94 -38.57
N PRO C 125 7.81 12.49 -38.23
CA PRO C 125 8.78 13.27 -37.47
C PRO C 125 9.34 14.41 -38.34
N SER C 126 9.13 15.65 -37.91
CA SER C 126 9.87 16.80 -38.45
C SER C 126 11.31 16.75 -37.93
N VAL C 127 12.30 16.54 -38.79
CA VAL C 127 13.66 16.12 -38.38
C VAL C 127 14.67 17.28 -38.51
N PHE C 128 15.33 17.61 -37.40
CA PHE C 128 16.17 18.80 -37.29
C PHE C 128 17.46 18.54 -36.48
N PRO C 129 18.51 17.97 -37.10
CA PRO C 129 19.84 17.88 -36.49
C PRO C 129 20.40 19.24 -36.03
N LEU C 130 21.30 19.22 -35.04
CA LEU C 130 21.96 20.40 -34.47
C LEU C 130 23.46 20.38 -34.80
N ALA C 131 23.90 21.39 -35.57
CA ALA C 131 25.30 21.61 -35.90
C ALA C 131 25.97 22.58 -34.91
N PRO C 132 27.05 22.19 -34.18
CA PRO C 132 27.72 23.08 -33.23
C PRO C 132 28.34 24.33 -33.86
N SER C 133 29.08 24.17 -34.97
CA SER C 133 29.74 25.26 -35.72
C SER C 133 30.58 26.22 -34.85
N SER C 134 31.33 25.64 -33.90
CA SER C 134 32.13 26.35 -32.85
C SER C 134 31.34 27.26 -31.90
N LYS C 135 30.00 27.22 -31.92
CA LYS C 135 29.15 27.71 -30.82
C LYS C 135 29.08 26.62 -29.75
N SER C 136 29.14 26.99 -28.47
CA SER C 136 29.01 26.06 -27.33
C SER C 136 29.90 24.81 -27.44
N THR C 137 31.22 25.01 -27.53
CA THR C 137 32.25 23.96 -27.60
C THR C 137 33.51 24.34 -26.82
N SER C 138 34.24 23.35 -26.29
CA SER C 138 35.59 23.55 -25.70
C SER C 138 36.37 22.24 -25.66
N GLY C 139 37.43 22.12 -26.46
CA GLY C 139 38.38 21.00 -26.45
C GLY C 139 37.72 19.61 -26.48
N GLY C 140 37.86 18.85 -25.40
CA GLY C 140 37.25 17.54 -25.19
C GLY C 140 35.71 17.52 -25.07
N THR C 141 35.02 18.65 -25.27
CA THR C 141 33.56 18.78 -25.17
C THR C 141 32.93 19.53 -26.36
N ALA C 142 31.85 18.96 -26.88
CA ALA C 142 30.92 19.54 -27.85
C ALA C 142 29.64 18.70 -27.81
N ALA C 143 28.47 19.31 -27.62
CA ALA C 143 27.21 18.58 -27.68
C ALA C 143 26.67 18.53 -29.12
N LEU C 144 26.61 17.34 -29.71
CA LEU C 144 25.77 17.09 -30.87
C LEU C 144 24.32 16.90 -30.41
N GLY C 145 23.37 17.29 -31.25
CA GLY C 145 21.95 17.28 -30.89
C GLY C 145 21.04 17.04 -32.09
N CYS C 146 19.79 16.71 -31.81
CA CYS C 146 18.81 16.38 -32.83
C CYS C 146 17.41 16.63 -32.27
N LEU C 147 16.65 17.51 -32.90
CA LEU C 147 15.31 17.90 -32.48
C LEU C 147 14.28 17.24 -33.42
N VAL C 148 13.24 16.65 -32.85
CA VAL C 148 12.20 15.91 -33.56
C VAL C 148 10.84 16.49 -33.16
N LYS C 149 9.98 16.84 -34.12
CA LYS C 149 8.73 17.59 -33.82
C LYS C 149 7.47 17.19 -34.60
N ASP C 150 6.34 17.57 -34.03
CA ASP C 150 5.01 17.72 -34.63
C ASP C 150 4.32 16.41 -35.04
N TYR C 151 4.38 15.40 -34.18
CA TYR C 151 3.75 14.09 -34.35
C TYR C 151 2.72 13.82 -33.23
N PHE C 152 1.66 13.04 -33.49
CA PHE C 152 0.57 12.84 -32.51
C PHE C 152 0.63 11.54 -31.69
N PRO C 153 0.77 10.32 -32.25
CA PRO C 153 1.03 9.14 -31.44
C PRO C 153 2.42 9.23 -30.79
N GLU C 154 2.57 8.88 -29.53
CA GLU C 154 3.78 9.16 -28.74
C GLU C 154 5.10 8.52 -29.21
N PRO C 155 5.17 7.22 -29.59
CA PRO C 155 6.44 6.51 -29.63
C PRO C 155 7.26 6.80 -30.91
N VAL C 156 8.16 7.78 -30.81
CA VAL C 156 9.25 8.01 -31.78
C VAL C 156 10.58 7.57 -31.17
N THR C 157 11.33 6.75 -31.92
CA THR C 157 12.63 6.18 -31.49
C THR C 157 13.77 6.90 -32.21
N VAL C 158 14.88 7.14 -31.53
CA VAL C 158 16.04 7.89 -32.05
C VAL C 158 17.37 7.29 -31.63
N SER C 159 18.43 7.55 -32.39
CA SER C 159 19.80 7.09 -32.10
C SER C 159 20.86 7.97 -32.77
N TRP C 160 22.12 7.81 -32.36
CA TRP C 160 23.29 8.45 -32.98
C TRP C 160 24.16 7.45 -33.72
N ASN C 161 24.52 7.82 -34.96
CA ASN C 161 25.47 7.12 -35.82
C ASN C 161 25.11 5.63 -36.02
N SER C 162 23.82 5.35 -36.19
CA SER C 162 23.25 3.99 -36.36
C SER C 162 23.56 3.07 -35.17
N GLY C 163 23.52 3.63 -33.96
CA GLY C 163 23.79 2.93 -32.70
C GLY C 163 25.27 2.87 -32.32
N ALA C 164 26.20 3.15 -33.23
CA ALA C 164 27.64 3.10 -32.94
C ALA C 164 28.08 4.19 -31.94
N LEU C 165 27.32 5.28 -31.80
CA LEU C 165 27.56 6.40 -30.87
C LEU C 165 26.55 6.39 -29.70
N THR C 166 26.21 5.19 -29.18
CA THR C 166 25.28 5.04 -28.04
C THR C 166 25.85 5.59 -26.73
N SER C 167 27.17 5.49 -26.50
CA SER C 167 27.76 5.85 -25.20
C SER C 167 27.52 7.32 -24.83
N GLY C 168 26.91 7.55 -23.67
CA GLY C 168 26.58 8.88 -23.15
C GLY C 168 25.38 9.58 -23.80
N VAL C 169 24.59 8.89 -24.64
CA VAL C 169 23.38 9.49 -25.26
C VAL C 169 22.32 9.86 -24.21
N HIS C 170 21.75 11.06 -24.34
CA HIS C 170 20.56 11.49 -23.60
C HIS C 170 19.43 11.81 -24.58
N THR C 171 18.30 11.10 -24.45
CA THR C 171 17.06 11.43 -25.17
C THR C 171 16.04 11.90 -24.15
N PHE C 172 15.56 13.13 -24.27
CA PHE C 172 14.66 13.70 -23.28
C PHE C 172 13.20 13.26 -23.52
N PRO C 173 12.39 13.04 -22.47
CA PRO C 173 10.99 12.67 -22.62
C PRO C 173 10.18 13.71 -23.40
N ALA C 174 9.28 13.25 -24.28
CA ALA C 174 8.56 14.10 -25.21
C ALA C 174 7.64 15.12 -24.51
N VAL C 175 7.59 16.33 -25.06
CA VAL C 175 6.76 17.44 -24.59
C VAL C 175 5.56 17.63 -25.51
N LEU C 176 4.36 17.71 -24.96
CA LEU C 176 3.15 18.04 -25.71
C LEU C 176 3.03 19.55 -25.90
N GLN C 177 3.06 20.02 -27.15
CA GLN C 177 2.92 21.44 -27.50
C GLN C 177 1.46 21.90 -27.45
N SER C 178 1.25 23.23 -27.42
CA SER C 178 -0.07 23.87 -27.49
C SER C 178 -0.87 23.54 -28.76
N SER C 179 -0.21 23.10 -29.83
CA SER C 179 -0.84 22.57 -31.06
C SER C 179 -1.53 21.20 -30.88
N GLY C 180 -1.27 20.50 -29.78
CA GLY C 180 -1.68 19.11 -29.58
C GLY C 180 -0.72 18.08 -30.18
N LEU C 181 0.50 18.49 -30.55
CA LEU C 181 1.53 17.63 -31.16
C LEU C 181 2.80 17.58 -30.32
N TYR C 182 3.52 16.45 -30.35
CA TYR C 182 4.70 16.22 -29.53
C TYR C 182 6.01 16.65 -30.18
N SER C 183 7.02 16.89 -29.35
CA SER C 183 8.42 16.97 -29.75
C SER C 183 9.36 16.42 -28.68
N LEU C 184 10.56 16.02 -29.10
CA LEU C 184 11.66 15.63 -28.23
C LEU C 184 13.00 16.10 -28.80
N SER C 185 14.07 16.03 -28.01
CA SER C 185 15.43 16.12 -28.54
C SER C 185 16.34 15.03 -27.99
N SER C 186 17.40 14.71 -28.74
CA SER C 186 18.37 13.68 -28.41
C SER C 186 19.79 14.18 -28.63
N VAL C 187 20.72 13.86 -27.73
CA VAL C 187 21.99 14.57 -27.55
C VAL C 187 23.11 13.60 -27.21
N VAL C 188 24.35 13.91 -27.64
CA VAL C 188 25.56 13.21 -27.21
C VAL C 188 26.73 14.20 -27.12
N THR C 189 27.60 14.05 -26.12
CA THR C 189 28.76 14.94 -25.90
C THR C 189 30.06 14.26 -26.32
N VAL C 190 30.79 14.87 -27.24
CA VAL C 190 31.95 14.27 -27.94
C VAL C 190 33.07 15.33 -28.09
N PRO C 191 34.37 14.97 -28.11
CA PRO C 191 35.44 15.94 -28.36
C PRO C 191 35.29 16.72 -29.67
N SER C 192 35.58 18.02 -29.64
CA SER C 192 35.44 18.94 -30.79
C SER C 192 36.30 18.53 -31.98
N SER C 193 37.51 18.01 -31.71
CA SER C 193 38.43 17.45 -32.72
C SER C 193 37.84 16.24 -33.47
N SER C 194 36.91 15.52 -32.87
CA SER C 194 36.30 14.32 -33.48
C SER C 194 35.15 14.64 -34.45
N LEU C 195 34.64 15.89 -34.48
CA LEU C 195 33.47 16.28 -35.28
C LEU C 195 33.66 16.08 -36.80
N GLY C 196 34.90 16.09 -37.29
CA GLY C 196 35.23 15.79 -38.70
C GLY C 196 35.44 14.29 -39.01
N THR C 197 35.45 13.41 -38.01
CA THR C 197 35.77 11.97 -38.19
C THR C 197 34.52 11.11 -38.41
N GLN C 198 33.66 10.94 -37.40
CA GLN C 198 32.45 10.12 -37.50
C GLN C 198 31.39 10.80 -38.39
N THR C 199 30.38 10.06 -38.86
CA THR C 199 29.40 10.60 -39.81
C THR C 199 28.25 11.39 -39.14
N TYR C 200 28.02 11.24 -37.83
CA TYR C 200 27.05 12.03 -37.04
C TYR C 200 25.65 12.13 -37.67
N ILE C 201 25.11 10.97 -38.06
CA ILE C 201 23.70 10.80 -38.37
C ILE C 201 22.89 10.79 -37.07
N CYS C 202 21.80 11.56 -37.02
CA CYS C 202 20.68 11.29 -36.13
C CYS C 202 19.71 10.32 -36.84
N ASN C 203 19.58 9.10 -36.34
CA ASN C 203 18.54 8.17 -36.80
C ASN C 203 17.21 8.55 -36.13
N VAL C 204 16.08 8.62 -36.86
CA VAL C 204 14.75 8.84 -36.26
C VAL C 204 13.65 7.99 -36.92
N ASN C 205 12.80 7.37 -36.11
CA ASN C 205 11.79 6.39 -36.53
C ASN C 205 10.47 6.61 -35.78
N HIS C 206 9.45 7.15 -36.44
CA HIS C 206 8.09 7.19 -35.88
C HIS C 206 7.34 5.93 -36.26
N LYS C 207 7.34 4.91 -35.39
CA LYS C 207 6.85 3.58 -35.72
C LYS C 207 5.35 3.53 -36.06
N PRO C 208 4.44 4.25 -35.35
CA PRO C 208 3.02 4.30 -35.77
C PRO C 208 2.79 4.96 -37.14
N SER C 209 3.66 5.88 -37.57
CA SER C 209 3.66 6.40 -38.95
C SER C 209 4.43 5.49 -39.93
N ASN C 210 5.23 4.55 -39.43
CA ASN C 210 6.27 3.79 -40.16
C ASN C 210 7.26 4.67 -40.97
N THR C 211 7.35 5.96 -40.65
CA THR C 211 8.27 6.92 -41.27
C THR C 211 9.60 6.92 -40.53
N LYS C 212 10.61 6.30 -41.14
CA LYS C 212 12.00 6.34 -40.67
C LYS C 212 12.85 7.20 -41.60
N VAL C 213 13.63 8.10 -41.03
CA VAL C 213 14.61 8.93 -41.73
C VAL C 213 15.86 9.08 -40.88
N ASP C 214 17.03 8.93 -41.48
CA ASP C 214 18.32 9.13 -40.80
C ASP C 214 19.01 10.34 -41.43
N LYS C 215 19.32 11.37 -40.64
CA LYS C 215 19.78 12.68 -41.17
C LYS C 215 21.07 13.18 -40.54
N LYS C 216 21.97 13.65 -41.40
CA LYS C 216 23.34 14.13 -41.15
C LYS C 216 23.35 15.47 -40.41
N VAL C 217 24.13 15.57 -39.32
CA VAL C 217 24.62 16.86 -38.80
C VAL C 217 25.67 17.42 -39.77
N GLU C 218 25.58 18.70 -40.14
CA GLU C 218 26.59 19.38 -40.97
C GLU C 218 27.40 20.40 -40.14
N PRO C 219 28.49 19.98 -39.47
CA PRO C 219 29.28 20.85 -38.59
C PRO C 219 30.02 21.96 -39.37
N LYS C 220 30.52 22.96 -38.62
CA LYS C 220 31.26 24.14 -39.13
C LYS C 220 30.51 24.99 -40.17
N SER C 221 29.18 24.88 -40.22
CA SER C 221 28.34 25.44 -41.31
C SER C 221 27.71 26.80 -41.01
N CYS C 222 27.21 27.03 -39.79
CA CYS C 222 26.34 28.17 -39.45
C CYS C 222 25.27 28.41 -40.53
N ASP D 1 -15.98 13.76 0.95
CA ASP D 1 -14.70 13.60 0.21
C ASP D 1 -13.53 13.87 1.16
N ILE D 2 -12.60 12.92 1.32
CA ILE D 2 -11.48 13.00 2.27
C ILE D 2 -10.19 13.32 1.52
N GLN D 3 -9.55 14.44 1.85
CA GLN D 3 -8.30 14.88 1.24
C GLN D 3 -7.11 14.29 2.00
N LEU D 4 -6.10 13.81 1.29
CA LEU D 4 -4.89 13.23 1.86
C LEU D 4 -3.68 14.05 1.42
N THR D 5 -2.91 14.56 2.38
CA THR D 5 -1.70 15.34 2.07
C THR D 5 -0.47 14.49 2.35
N GLN D 6 0.41 14.28 1.36
CA GLN D 6 1.68 13.61 1.57
C GLN D 6 2.81 14.64 1.69
N SER D 7 3.53 14.60 2.80
CA SER D 7 4.25 15.80 3.27
C SER D 7 5.57 16.06 2.54
N PRO D 8 6.53 15.13 2.47
CA PRO D 8 7.65 15.26 1.54
C PRO D 8 7.17 14.94 0.12
N SER D 9 7.19 15.91 -0.79
CA SER D 9 6.83 15.68 -2.21
C SER D 9 7.92 14.91 -2.97
N SER D 10 9.18 15.13 -2.61
CA SER D 10 10.31 14.30 -3.06
C SER D 10 11.36 14.16 -1.96
N LEU D 11 12.06 13.02 -1.93
CA LEU D 11 13.16 12.71 -1.04
C LEU D 11 14.40 12.25 -1.81
N SER D 12 15.55 12.49 -1.18
CA SER D 12 16.87 12.00 -1.58
C SER D 12 17.51 11.24 -0.43
N ALA D 13 18.09 10.08 -0.70
CA ALA D 13 18.62 9.17 0.31
C ALA D 13 19.68 8.25 -0.28
N SER D 14 20.41 7.52 0.56
CA SER D 14 21.41 6.54 0.13
C SER D 14 21.15 5.18 0.76
N VAL D 15 21.53 4.11 0.06
CA VAL D 15 21.35 2.72 0.51
C VAL D 15 21.86 2.53 1.94
N GLY D 16 21.07 1.86 2.78
CA GLY D 16 21.32 1.66 4.21
C GLY D 16 20.77 2.76 5.13
N HIS D 17 20.39 3.93 4.62
CA HIS D 17 19.66 4.92 5.42
C HIS D 17 18.27 4.41 5.84
N ARG D 18 17.73 4.90 6.96
CA ARG D 18 16.30 4.85 7.23
C ARG D 18 15.60 5.97 6.46
N VAL D 19 14.41 5.72 5.91
CA VAL D 19 13.55 6.74 5.30
C VAL D 19 12.18 6.74 5.97
N THR D 20 11.54 7.90 6.09
CA THR D 20 10.15 8.06 6.54
C THR D 20 9.40 9.01 5.62
N ILE D 21 8.17 8.67 5.24
CA ILE D 21 7.22 9.53 4.53
C ILE D 21 5.90 9.57 5.30
N THR D 22 5.15 10.66 5.21
CA THR D 22 3.96 10.87 6.04
C THR D 22 2.74 11.27 5.20
N CYS D 23 1.56 10.90 5.66
CA CYS D 23 0.27 11.15 5.06
C CYS D 23 -0.66 11.71 6.13
N ARG D 24 -1.46 12.71 5.81
CA ARG D 24 -2.28 13.45 6.77
C ARG D 24 -3.67 13.68 6.22
N ALA D 25 -4.68 13.08 6.83
CA ALA D 25 -6.07 13.09 6.38
C ALA D 25 -6.83 14.32 6.88
N SER D 26 -7.82 14.79 6.11
CA SER D 26 -8.67 15.92 6.47
C SER D 26 -9.79 15.60 7.46
N GLN D 27 -9.99 14.33 7.81
CA GLN D 27 -10.84 13.86 8.90
C GLN D 27 -10.28 12.55 9.45
N SER D 28 -10.74 12.09 10.61
CA SER D 28 -10.31 10.79 11.11
C SER D 28 -10.86 9.66 10.23
N ILE D 29 -9.98 8.73 9.89
CA ILE D 29 -10.27 7.54 9.08
C ILE D 29 -9.94 6.27 9.82
N SER D 30 -9.84 6.30 11.15
CA SER D 30 -9.41 5.18 11.98
C SER D 30 -8.08 4.61 11.46
N SER D 31 -7.98 3.31 11.21
CA SER D 31 -6.84 2.67 10.54
C SER D 31 -7.07 2.35 9.06
N TYR D 32 -7.97 3.02 8.33
CA TYR D 32 -8.31 2.67 6.95
C TYR D 32 -7.40 3.35 5.91
N LEU D 33 -6.12 2.98 5.80
CA LEU D 33 -5.12 3.68 4.98
C LEU D 33 -4.08 2.74 4.34
N ASN D 34 -4.20 2.46 3.05
CA ASN D 34 -3.23 1.67 2.28
C ASN D 34 -2.00 2.47 1.85
N TRP D 35 -0.86 1.81 1.67
CA TRP D 35 0.34 2.37 1.01
C TRP D 35 0.74 1.56 -0.21
N TYR D 36 1.08 2.24 -1.30
CA TYR D 36 1.52 1.66 -2.57
C TYR D 36 2.89 2.18 -2.98
N GLN D 37 3.64 1.35 -3.68
CA GLN D 37 4.85 1.71 -4.42
C GLN D 37 4.59 1.60 -5.92
N GLN D 38 5.04 2.56 -6.73
CA GLN D 38 5.00 2.49 -8.18
C GLN D 38 6.35 2.84 -8.82
N LYS D 39 6.75 2.07 -9.83
CA LYS D 39 7.95 2.29 -10.66
C LYS D 39 7.55 2.67 -12.09
N PRO D 40 8.38 3.41 -12.84
CA PRO D 40 7.96 4.03 -14.10
C PRO D 40 7.40 3.03 -15.12
N GLY D 41 6.19 3.29 -15.63
CA GLY D 41 5.51 2.43 -16.60
C GLY D 41 4.98 1.10 -16.05
N LYS D 42 5.08 0.83 -14.74
CA LYS D 42 4.50 -0.35 -14.08
C LYS D 42 3.23 0.04 -13.30
N ALA D 43 2.41 -0.94 -12.91
CA ALA D 43 1.28 -0.72 -12.01
C ALA D 43 1.74 -0.51 -10.55
N PRO D 44 0.93 0.16 -9.70
CA PRO D 44 1.18 0.23 -8.27
C PRO D 44 1.15 -1.14 -7.58
N LYS D 45 2.05 -1.36 -6.62
CA LYS D 45 2.12 -2.55 -5.76
C LYS D 45 1.72 -2.17 -4.33
N LEU D 46 0.74 -2.84 -3.73
CA LEU D 46 0.35 -2.65 -2.34
C LEU D 46 1.44 -3.13 -1.38
N LEU D 47 1.88 -2.27 -0.47
CA LEU D 47 2.83 -2.60 0.59
C LEU D 47 2.15 -2.87 1.92
N ILE D 48 1.32 -1.93 2.38
CA ILE D 48 0.71 -1.90 3.70
C ILE D 48 -0.80 -1.76 3.51
N TYR D 49 -1.60 -2.50 4.27
CA TYR D 49 -3.04 -2.32 4.41
C TYR D 49 -3.41 -2.23 5.90
N ALA D 50 -4.70 -2.08 6.22
CA ALA D 50 -5.13 -1.43 7.44
C ALA D 50 -4.36 -0.11 7.52
N ALA D 51 -3.56 0.19 8.54
CA ALA D 51 -2.54 1.23 8.44
C ALA D 51 -1.12 0.75 8.78
N SER D 52 -0.99 -0.52 9.16
CA SER D 52 0.19 -1.12 9.79
C SER D 52 0.50 -2.52 9.29
N SER D 53 -0.47 -3.21 8.68
CA SER D 53 -0.36 -4.61 8.29
C SER D 53 0.43 -4.76 7.00
N LEU D 54 1.52 -5.50 7.04
CA LEU D 54 2.37 -5.73 5.88
C LEU D 54 1.70 -6.75 4.94
N GLN D 55 1.62 -6.43 3.64
CA GLN D 55 0.99 -7.31 2.65
C GLN D 55 1.85 -8.56 2.39
N SER D 56 1.21 -9.66 1.99
CA SER D 56 1.85 -10.94 1.67
C SER D 56 3.05 -10.79 0.73
N GLY D 57 4.21 -11.31 1.14
CA GLY D 57 5.42 -11.31 0.34
C GLY D 57 6.16 -9.97 0.24
N VAL D 58 5.76 -8.94 1.00
CA VAL D 58 6.47 -7.65 1.05
C VAL D 58 7.63 -7.71 2.05
N PRO D 59 8.81 -7.13 1.76
CA PRO D 59 9.96 -7.15 2.66
C PRO D 59 9.70 -6.50 4.04
N SER D 60 10.17 -7.13 5.11
CA SER D 60 9.96 -6.69 6.50
C SER D 60 10.57 -5.33 6.85
N ARG D 61 11.43 -4.76 5.99
CA ARG D 61 11.96 -3.41 6.17
C ARG D 61 10.91 -2.30 6.00
N PHE D 62 9.78 -2.55 5.33
CA PHE D 62 8.67 -1.61 5.27
C PHE D 62 7.80 -1.70 6.52
N SER D 63 7.43 -0.58 7.12
CA SER D 63 6.46 -0.56 8.22
C SER D 63 5.56 0.66 8.19
N GLY D 64 4.32 0.51 8.64
CA GLY D 64 3.35 1.58 8.73
C GLY D 64 2.90 1.82 10.17
N SER D 65 2.51 3.05 10.48
CA SER D 65 1.91 3.41 11.76
C SER D 65 0.92 4.55 11.59
N GLY D 66 -0.03 4.65 12.49
CA GLY D 66 -1.07 5.67 12.52
C GLY D 66 -2.45 5.07 12.76
N SER D 67 -3.33 5.83 13.38
CA SER D 67 -4.74 5.50 13.56
C SER D 67 -5.46 6.77 13.99
N GLY D 68 -6.21 7.40 13.08
CA GLY D 68 -6.76 8.74 13.28
C GLY D 68 -6.63 9.57 12.03
N THR D 69 -5.81 10.62 12.06
CA THR D 69 -5.54 11.52 10.92
C THR D 69 -4.11 11.51 10.43
N ASP D 70 -3.15 11.06 11.24
CA ASP D 70 -1.73 11.14 10.91
C ASP D 70 -1.13 9.75 10.77
N PHE D 71 -0.47 9.49 9.64
CA PHE D 71 0.04 8.18 9.23
C PHE D 71 1.45 8.30 8.69
N THR D 72 2.30 7.31 8.91
CA THR D 72 3.66 7.28 8.38
C THR D 72 3.98 5.92 7.79
N LEU D 73 4.78 5.91 6.73
CA LEU D 73 5.46 4.73 6.20
C LEU D 73 6.95 4.90 6.43
N THR D 74 7.64 3.86 6.90
CA THR D 74 9.09 3.83 7.05
C THR D 74 9.71 2.72 6.23
N ILE D 75 10.93 2.96 5.74
CA ILE D 75 11.78 1.95 5.12
C ILE D 75 13.03 1.85 6.00
N SER D 76 13.20 0.70 6.67
CA SER D 76 14.12 0.56 7.81
C SER D 76 15.60 0.67 7.44
N SER D 77 15.98 0.09 6.30
CA SER D 77 17.31 0.17 5.71
C SER D 77 17.16 0.11 4.19
N LEU D 78 17.18 1.29 3.57
CA LEU D 78 16.84 1.50 2.17
C LEU D 78 17.73 0.70 1.20
N GLN D 79 17.18 0.16 0.11
CA GLN D 79 17.90 -0.70 -0.84
C GLN D 79 17.74 -0.23 -2.30
N PRO D 80 18.60 -0.67 -3.24
CA PRO D 80 18.54 -0.24 -4.66
C PRO D 80 17.19 -0.46 -5.37
N GLU D 81 16.39 -1.41 -4.92
CA GLU D 81 15.05 -1.66 -5.45
C GLU D 81 13.94 -0.75 -4.87
N ASP D 82 14.22 0.08 -3.85
CA ASP D 82 13.23 0.92 -3.15
C ASP D 82 13.03 2.31 -3.75
N PHE D 83 13.86 2.72 -4.71
CA PHE D 83 13.78 4.06 -5.31
C PHE D 83 12.65 4.13 -6.34
N ALA D 84 11.52 4.69 -5.91
CA ALA D 84 10.22 4.61 -6.55
C ALA D 84 9.33 5.78 -6.09
N THR D 85 8.08 5.84 -6.54
CA THR D 85 7.08 6.79 -6.03
C THR D 85 6.09 6.09 -5.11
N TYR D 86 5.76 6.68 -3.97
CA TYR D 86 4.92 6.08 -2.94
C TYR D 86 3.63 6.85 -2.72
N TYR D 87 2.49 6.18 -2.74
CA TYR D 87 1.14 6.76 -2.57
C TYR D 87 0.43 6.22 -1.34
N CYS D 88 -0.20 7.06 -0.53
CA CYS D 88 -1.22 6.61 0.44
C CYS D 88 -2.61 6.62 -0.22
N GLN D 89 -3.53 5.79 0.24
CA GLN D 89 -4.92 5.76 -0.18
C GLN D 89 -5.84 5.45 0.99
N GLN D 90 -6.89 6.24 1.22
CA GLN D 90 -7.87 5.93 2.25
C GLN D 90 -8.89 4.89 1.77
N SER D 91 -9.23 3.98 2.66
CA SER D 91 -10.14 2.86 2.43
C SER D 91 -11.47 3.06 3.16
N TYR D 92 -11.76 4.25 3.65
CA TYR D 92 -12.78 4.50 4.67
C TYR D 92 -14.17 4.69 4.06
N ASN D 93 -14.28 5.51 3.02
CA ASN D 93 -15.53 5.77 2.31
C ASN D 93 -15.30 6.17 0.86
N LEU D 94 -16.38 6.32 0.10
CA LEU D 94 -16.38 6.72 -1.31
C LEU D 94 -16.50 8.24 -1.47
N PRO D 95 -15.82 8.87 -2.44
CA PRO D 95 -14.85 8.27 -3.37
C PRO D 95 -13.57 7.83 -2.68
N ARG D 96 -12.93 6.78 -3.20
CA ARG D 96 -11.59 6.34 -2.76
C ARG D 96 -10.57 7.35 -3.24
N THR D 97 -9.76 7.90 -2.34
CA THR D 97 -8.84 8.99 -2.63
C THR D 97 -7.41 8.62 -2.30
N PHE D 98 -6.47 9.17 -3.07
CA PHE D 98 -5.04 8.95 -2.98
C PHE D 98 -4.33 10.27 -2.59
N GLY D 99 -3.19 10.20 -1.91
CA GLY D 99 -2.29 11.34 -1.75
C GLY D 99 -1.43 11.57 -2.99
N GLY D 100 -0.93 12.79 -3.21
CA GLY D 100 0.01 13.06 -4.31
C GLY D 100 1.40 12.52 -3.99
N GLY D 101 1.77 11.38 -4.58
CA GLY D 101 2.81 10.52 -4.03
C GLY D 101 4.19 11.13 -3.88
N THR D 102 4.94 10.69 -2.87
CA THR D 102 6.33 11.07 -2.62
C THR D 102 7.27 10.36 -3.59
N LYS D 103 8.06 11.07 -4.39
CA LYS D 103 9.20 10.47 -5.10
C LYS D 103 10.36 10.17 -4.13
N LEU D 104 11.07 9.08 -4.33
CA LEU D 104 12.31 8.77 -3.61
C LEU D 104 13.39 8.52 -4.66
N GLU D 105 14.01 9.59 -5.14
CA GLU D 105 14.57 9.61 -6.51
C GLU D 105 16.09 9.70 -6.65
N VAL D 106 16.82 10.23 -5.67
CA VAL D 106 18.28 10.02 -5.65
C VAL D 106 18.54 8.58 -5.24
N LEU D 107 19.32 7.85 -6.04
CA LEU D 107 19.75 6.47 -5.74
C LEU D 107 21.02 6.42 -4.87
N GLY D 108 21.79 7.51 -4.82
CA GLY D 108 23.01 7.64 -4.02
C GLY D 108 23.67 9.02 -4.21
N THR D 109 24.28 9.58 -3.16
CA THR D 109 24.81 10.95 -3.18
C THR D 109 26.03 11.14 -4.08
N VAL D 110 26.14 12.31 -4.72
CA VAL D 110 27.38 12.91 -5.22
C VAL D 110 27.22 14.43 -5.24
N ALA D 111 28.31 15.21 -5.13
CA ALA D 111 28.19 16.67 -5.06
C ALA D 111 27.81 17.36 -6.39
N ALA D 112 28.14 16.72 -7.52
CA ALA D 112 28.42 17.34 -8.82
C ALA D 112 27.34 18.29 -9.40
N PRO D 113 27.57 19.61 -9.44
CA PRO D 113 26.90 20.52 -10.36
C PRO D 113 27.53 20.39 -11.77
N SER D 114 26.79 20.76 -12.82
CA SER D 114 27.28 20.73 -14.21
C SER D 114 26.33 21.49 -15.12
N VAL D 115 26.82 22.50 -15.85
CA VAL D 115 25.99 23.40 -16.68
C VAL D 115 26.59 23.64 -18.07
N PHE D 116 25.73 23.78 -19.07
CA PHE D 116 26.04 23.91 -20.50
C PHE D 116 24.78 24.41 -21.26
N ILE D 117 24.91 24.95 -22.47
CA ILE D 117 23.78 25.43 -23.31
C ILE D 117 24.07 25.24 -24.81
N PHE D 118 23.05 25.17 -25.68
CA PHE D 118 23.22 24.97 -27.14
C PHE D 118 22.29 25.85 -28.03
N PRO D 119 22.76 26.39 -29.19
CA PRO D 119 22.02 27.31 -30.07
C PRO D 119 20.82 26.73 -30.85
N PRO D 120 19.96 27.59 -31.44
CA PRO D 120 18.94 27.19 -32.41
C PRO D 120 19.53 26.90 -33.81
N SER D 121 19.71 25.62 -34.14
CA SER D 121 20.41 25.11 -35.33
C SER D 121 19.99 25.69 -36.69
N ASP D 122 20.94 25.87 -37.61
CA ASP D 122 20.68 26.18 -39.04
C ASP D 122 19.98 25.02 -39.76
N GLU D 123 20.28 23.77 -39.38
CA GLU D 123 19.56 22.59 -39.87
C GLU D 123 18.15 22.46 -39.25
N GLN D 124 17.85 23.21 -38.18
CA GLN D 124 16.49 23.46 -37.68
C GLN D 124 15.78 24.64 -38.38
N LEU D 125 16.52 25.68 -38.75
CA LEU D 125 16.02 26.95 -39.32
C LEU D 125 15.06 26.78 -40.49
N LYS D 126 15.31 25.78 -41.34
CA LYS D 126 14.49 25.38 -42.52
C LYS D 126 13.01 25.12 -42.22
N SER D 127 12.67 24.89 -40.94
CA SER D 127 11.30 24.79 -40.42
C SER D 127 10.44 26.05 -40.66
N GLY D 128 11.05 27.19 -40.98
CA GLY D 128 10.38 28.49 -40.87
C GLY D 128 10.18 28.93 -39.42
N THR D 129 10.96 28.37 -38.48
CA THR D 129 10.88 28.60 -37.03
C THR D 129 12.27 28.50 -36.39
N ALA D 130 12.48 29.09 -35.22
CA ALA D 130 13.64 28.86 -34.36
C ALA D 130 13.24 28.02 -33.15
N SER D 131 14.13 27.12 -32.70
CA SER D 131 13.97 26.33 -31.49
C SER D 131 15.32 26.20 -30.79
N VAL D 132 15.53 26.97 -29.71
CA VAL D 132 16.79 26.93 -28.93
C VAL D 132 16.86 25.63 -28.09
N VAL D 133 18.05 25.14 -27.75
CA VAL D 133 18.21 23.96 -26.88
C VAL D 133 19.18 24.30 -25.74
N CYS D 134 18.64 24.98 -24.72
CA CYS D 134 19.36 25.15 -23.45
C CYS D 134 19.51 23.77 -22.78
N LEU D 135 20.67 23.42 -22.20
CA LEU D 135 21.07 22.00 -22.14
C LEU D 135 22.04 21.64 -20.99
N LEU D 136 21.75 22.02 -19.74
CA LEU D 136 22.59 21.61 -18.61
C LEU D 136 22.54 20.09 -18.40
N ASN D 137 23.71 19.44 -18.29
CA ASN D 137 23.84 18.00 -18.50
C ASN D 137 24.65 17.31 -17.39
N ASN D 138 24.17 16.14 -16.92
CA ASN D 138 24.74 15.34 -15.84
C ASN D 138 25.05 16.16 -14.57
N PHE D 139 24.01 16.64 -13.89
CA PHE D 139 24.10 17.32 -12.59
C PHE D 139 23.27 16.58 -11.53
N TYR D 140 23.75 16.51 -10.29
CA TYR D 140 23.14 15.66 -9.25
C TYR D 140 21.81 16.18 -8.67
N PRO D 141 21.65 17.48 -8.35
CA PRO D 141 20.35 18.04 -7.98
C PRO D 141 19.44 18.13 -9.21
N ARG D 142 18.11 18.10 -9.04
CA ARG D 142 17.18 18.39 -10.16
C ARG D 142 16.98 19.90 -10.34
N GLU D 143 17.19 20.66 -9.28
CA GLU D 143 16.80 22.06 -9.13
C GLU D 143 17.72 22.99 -9.94
N ALA D 144 17.11 23.82 -10.78
CA ALA D 144 17.75 24.73 -11.73
C ALA D 144 16.73 25.76 -12.24
N LYS D 145 17.20 26.78 -12.96
CA LYS D 145 16.40 27.80 -13.65
C LYS D 145 17.02 28.16 -15.00
N VAL D 146 16.19 28.54 -15.97
CA VAL D 146 16.57 28.96 -17.32
C VAL D 146 16.07 30.37 -17.61
N GLN D 147 16.90 31.13 -18.34
CA GLN D 147 16.64 32.48 -18.83
C GLN D 147 17.10 32.60 -20.29
N TRP D 148 16.72 33.68 -20.97
CA TRP D 148 16.98 33.92 -22.40
C TRP D 148 17.50 35.35 -22.63
N LYS D 149 18.07 35.63 -23.81
CA LYS D 149 18.80 36.89 -24.08
C LYS D 149 18.55 37.50 -25.47
N VAL D 150 17.43 37.20 -26.12
CA VAL D 150 17.21 37.62 -27.53
C VAL D 150 17.18 39.15 -27.66
N ASP D 151 18.09 39.71 -28.47
CA ASP D 151 18.41 41.14 -28.56
C ASP D 151 18.54 41.84 -27.19
N ASN D 152 19.13 41.12 -26.22
CA ASN D 152 19.35 41.52 -24.83
C ASN D 152 18.08 41.74 -23.97
N ALA D 153 16.88 41.55 -24.52
CA ALA D 153 15.67 41.34 -23.72
C ALA D 153 15.66 39.93 -23.13
N LEU D 154 14.93 39.72 -22.02
CA LEU D 154 14.79 38.40 -21.36
C LEU D 154 13.38 37.86 -21.60
N GLN D 155 13.28 36.79 -22.39
CA GLN D 155 12.01 36.20 -22.83
C GLN D 155 11.36 35.33 -21.71
N SER D 156 10.03 35.28 -21.69
CA SER D 156 9.25 34.51 -20.70
C SER D 156 7.88 34.07 -21.25
N GLY D 157 7.28 33.02 -20.68
CA GLY D 157 6.03 32.40 -21.13
C GLY D 157 6.19 31.53 -22.38
N ASN D 158 6.91 32.03 -23.38
CA ASN D 158 7.39 31.30 -24.55
C ASN D 158 8.56 30.37 -24.17
N SER D 159 8.27 29.27 -23.48
CA SER D 159 9.26 28.26 -23.04
C SER D 159 8.61 26.92 -22.70
N GLN D 160 9.44 25.87 -22.73
CA GLN D 160 9.15 24.52 -22.23
C GLN D 160 10.46 23.90 -21.73
N GLU D 161 10.39 22.88 -20.88
CA GLU D 161 11.56 22.11 -20.44
C GLU D 161 11.24 20.63 -20.22
N SER D 162 12.27 19.79 -20.26
CA SER D 162 12.21 18.35 -20.05
C SER D 162 13.47 17.84 -19.36
N VAL D 163 13.36 16.75 -18.61
CA VAL D 163 14.45 16.17 -17.81
C VAL D 163 14.53 14.66 -18.00
N THR D 164 15.73 14.12 -18.21
CA THR D 164 15.95 12.67 -18.20
C THR D 164 16.09 12.15 -16.75
N GLU D 165 15.64 10.92 -16.48
CA GLU D 165 15.54 10.42 -15.11
C GLU D 165 16.90 10.22 -14.42
N GLN D 166 16.92 10.35 -13.09
CA GLN D 166 18.13 10.38 -12.26
C GLN D 166 19.03 9.18 -12.54
N ASP D 167 20.24 9.40 -13.06
CA ASP D 167 21.01 8.34 -13.72
C ASP D 167 21.41 7.19 -12.78
N SER D 168 21.24 5.94 -13.22
CA SER D 168 21.45 4.73 -12.41
C SER D 168 22.86 4.61 -11.79
N LYS D 169 23.90 5.07 -12.49
CA LYS D 169 25.30 4.99 -12.03
C LYS D 169 25.79 6.32 -11.45
N ASP D 170 25.43 7.43 -12.07
CA ASP D 170 25.91 8.77 -11.70
C ASP D 170 25.09 9.39 -10.58
N SER D 171 23.82 9.00 -10.46
CA SER D 171 22.76 9.81 -9.85
C SER D 171 22.80 11.25 -10.34
N THR D 172 22.79 11.45 -11.66
CA THR D 172 22.68 12.79 -12.24
C THR D 172 21.57 12.87 -13.27
N TYR D 173 20.87 13.99 -13.29
CA TYR D 173 19.92 14.38 -14.33
C TYR D 173 20.62 15.08 -15.49
N SER D 174 19.92 15.22 -16.59
CA SER D 174 20.18 16.21 -17.64
C SER D 174 18.87 16.88 -18.01
N LEU D 175 18.92 18.17 -18.33
CA LEU D 175 17.75 19.01 -18.62
C LEU D 175 17.89 19.59 -20.02
N SER D 176 16.78 19.70 -20.75
CA SER D 176 16.72 20.47 -21.99
C SER D 176 15.57 21.49 -21.95
N SER D 177 15.73 22.65 -22.58
CA SER D 177 14.70 23.69 -22.60
C SER D 177 14.73 24.50 -23.90
N THR D 178 13.57 25.00 -24.32
CA THR D 178 13.38 25.58 -25.66
C THR D 178 12.48 26.82 -25.65
N LEU D 179 13.10 27.98 -25.88
CA LEU D 179 12.46 29.14 -26.51
C LEU D 179 12.19 28.82 -27.99
N THR D 180 11.04 29.25 -28.53
CA THR D 180 10.73 29.08 -29.95
C THR D 180 10.13 30.34 -30.60
N LEU D 181 10.56 30.69 -31.81
CA LEU D 181 10.23 31.96 -32.46
C LEU D 181 9.88 31.79 -33.94
N SER D 182 8.92 32.56 -34.46
CA SER D 182 8.52 32.56 -35.89
C SER D 182 9.63 33.08 -36.81
N LYS D 183 9.54 32.85 -38.14
CA LYS D 183 10.42 33.48 -39.15
C LYS D 183 10.49 35.00 -39.00
N ALA D 184 9.32 35.63 -38.82
CA ALA D 184 9.20 37.06 -38.62
C ALA D 184 9.88 37.57 -37.35
N ASP D 185 10.10 36.72 -36.34
CA ASP D 185 10.83 37.03 -35.11
C ASP D 185 12.31 36.68 -35.17
N TYR D 186 12.68 35.48 -35.63
CA TYR D 186 14.07 35.02 -35.52
C TYR D 186 15.04 35.69 -36.50
N GLU D 187 14.55 36.25 -37.60
CA GLU D 187 15.39 37.11 -38.44
C GLU D 187 15.37 38.58 -38.02
N LYS D 188 14.25 39.07 -37.48
CA LYS D 188 14.12 40.43 -36.92
C LYS D 188 15.12 40.68 -35.78
N HIS D 189 15.28 39.72 -34.88
CA HIS D 189 16.33 39.72 -33.85
C HIS D 189 17.62 39.01 -34.34
N LYS D 190 18.76 39.32 -33.73
CA LYS D 190 20.11 38.91 -34.19
C LYS D 190 21.08 38.47 -33.09
N VAL D 191 20.92 38.95 -31.86
CA VAL D 191 21.72 38.53 -30.69
C VAL D 191 20.91 37.51 -29.91
N TYR D 192 21.51 36.38 -29.52
CA TYR D 192 20.81 35.28 -28.86
C TYR D 192 21.70 34.61 -27.81
N ALA D 193 21.11 34.13 -26.73
CA ALA D 193 21.70 33.17 -25.80
C ALA D 193 20.61 32.53 -24.91
N CYS D 194 20.89 31.35 -24.37
CA CYS D 194 20.30 30.95 -23.08
C CYS D 194 21.16 31.51 -21.93
N GLU D 195 20.62 31.57 -20.73
CA GLU D 195 21.40 31.64 -19.50
C GLU D 195 20.86 30.62 -18.49
N VAL D 196 21.76 29.88 -17.84
CA VAL D 196 21.43 28.79 -16.91
C VAL D 196 21.83 29.18 -15.49
N THR D 197 20.88 29.14 -14.58
CA THR D 197 21.04 29.51 -13.16
C THR D 197 20.87 28.26 -12.29
N HIS D 198 21.84 27.94 -11.44
CA HIS D 198 21.85 26.70 -10.66
C HIS D 198 22.60 26.87 -9.33
N GLN D 199 21.92 26.60 -8.22
CA GLN D 199 22.39 26.84 -6.84
C GLN D 199 23.62 26.01 -6.41
N GLY D 200 24.01 25.00 -7.18
CA GLY D 200 25.31 24.34 -6.99
C GLY D 200 26.52 25.18 -7.41
N LEU D 201 26.31 26.34 -8.03
CA LEU D 201 27.33 27.26 -8.55
C LEU D 201 27.10 28.71 -8.06
N SER D 202 28.18 29.51 -8.00
CA SER D 202 28.15 30.92 -7.56
C SER D 202 27.58 31.91 -8.59
N SER D 203 27.43 31.51 -9.85
CA SER D 203 27.00 32.37 -10.96
C SER D 203 26.16 31.60 -11.98
N PRO D 204 25.23 32.26 -12.69
CA PRO D 204 24.71 31.76 -13.95
C PRO D 204 25.80 31.61 -15.01
N VAL D 205 25.52 30.85 -16.07
CA VAL D 205 26.41 30.68 -17.25
C VAL D 205 25.62 30.96 -18.54
N THR D 206 26.26 31.63 -19.52
CA THR D 206 25.64 32.01 -20.79
C THR D 206 26.69 32.06 -21.94
N LYS D 207 26.27 31.80 -23.18
CA LYS D 207 27.12 31.69 -24.39
C LYS D 207 26.37 32.25 -25.62
N SER D 208 27.06 32.90 -26.54
CA SER D 208 26.46 33.59 -27.70
C SER D 208 26.02 32.63 -28.82
N PHE D 209 24.78 32.77 -29.30
CA PHE D 209 24.15 31.88 -30.30
C PHE D 209 23.85 32.51 -31.68
N ASN D 210 23.62 33.84 -31.76
CA ASN D 210 23.66 34.66 -32.99
C ASN D 210 22.94 34.12 -34.25
N ARG D 211 21.66 33.72 -34.13
CA ARG D 211 20.79 33.25 -35.25
C ARG D 211 20.64 34.32 -36.35
N GLY D 212 21.04 33.95 -37.57
CA GLY D 212 21.08 34.85 -38.74
C GLY D 212 22.22 35.86 -38.73
N GLU D 213 23.18 35.75 -37.79
CA GLU D 213 24.33 36.66 -37.66
C GLU D 213 25.69 35.95 -37.87
N CYS D 214 25.82 34.66 -37.52
CA CYS D 214 27.04 33.89 -37.79
C CYS D 214 27.34 33.78 -39.30
C1 NAG E . -28.57 -62.86 -2.76
C2 NAG E . -28.93 -64.23 -3.39
C3 NAG E . -29.97 -63.95 -4.50
C4 NAG E . -31.13 -63.11 -3.95
C5 NAG E . -30.68 -61.77 -3.33
C6 NAG E . -31.83 -60.98 -2.70
C7 NAG E . -26.82 -64.52 -4.68
C8 NAG E . -25.62 -65.43 -4.90
N2 NAG E . -27.77 -65.00 -3.87
O3 NAG E . -30.48 -65.19 -5.04
O4 NAG E . -32.04 -62.85 -5.03
O5 NAG E . -29.67 -62.04 -2.28
O6 NAG E . -31.37 -59.70 -2.23
O7 NAG E . -26.90 -63.40 -5.18
C1 NAG F . -4.04 -44.13 -0.19
C2 NAG F . -4.69 -45.32 0.53
C3 NAG F . -3.60 -46.04 1.34
C4 NAG F . -2.44 -46.48 0.45
C5 NAG F . -1.87 -45.31 -0.38
C6 NAG F . -0.82 -45.75 -1.41
C7 NAG F . -7.01 -45.29 1.39
C8 NAG F . -7.93 -44.86 2.53
N2 NAG F . -5.74 -44.87 1.46
O3 NAG F . -4.13 -47.23 1.99
O4 NAG F . -1.41 -46.98 1.33
O5 NAG F . -2.98 -44.61 -1.08
O6 NAG F . -1.39 -46.70 -2.33
O7 NAG F . -7.39 -46.03 0.49
C1 NAG G . -31.13 9.53 39.96
C2 NAG G . -32.39 10.26 39.45
C3 NAG G . -33.03 11.12 40.55
C4 NAG G . -33.26 10.29 41.83
C5 NAG G . -31.95 9.67 42.30
C6 NAG G . -32.09 8.77 43.54
C7 NAG G . -32.77 11.19 37.19
C8 NAG G . -32.35 12.27 36.19
N2 NAG G . -32.06 11.14 38.32
O3 NAG G . -34.30 11.67 40.11
O4 NAG G . -33.78 11.20 42.83
O5 NAG G . -31.42 8.83 41.21
O6 NAG G . -30.93 7.94 43.65
O7 NAG G . -33.70 10.41 36.97
C1 NAG H . -11.99 19.04 26.96
C2 NAG H . -13.01 17.91 27.10
C3 NAG H . -13.97 17.98 25.89
C4 NAG H . -14.66 19.34 25.84
C5 NAG H . -13.63 20.48 25.77
C6 NAG H . -14.25 21.88 25.85
C7 NAG H . -12.35 15.84 28.25
C8 NAG H . -11.66 14.48 28.14
N2 NAG H . -12.37 16.59 27.17
O3 NAG H . -14.98 16.94 25.96
O4 NAG H . -15.47 19.35 24.64
O5 NAG H . -12.67 20.33 26.89
O6 NAG H . -14.85 22.11 27.14
O7 NAG H . -12.88 16.21 29.29
#